data_3A1J
#
_entry.id   3A1J
#
_cell.length_a   77.154
_cell.length_b   70.776
_cell.length_c   86.661
_cell.angle_alpha   90.00
_cell.angle_beta   99.20
_cell.angle_gamma   90.00
#
_symmetry.space_group_name_H-M   'P 1 21 1'
#
loop_
_entity.id
_entity.type
_entity.pdbx_description
1 polymer 'Cell cycle checkpoint control protein RAD9A'
2 polymer 'Checkpoint protein HUS1'
3 polymer 'Cell cycle checkpoint protein RAD1'
4 branched beta-D-fructofuranose-(2-1)-alpha-D-glucopyranose
5 water water
#
loop_
_entity_poly.entity_id
_entity_poly.type
_entity_poly.pdbx_seq_one_letter_code
_entity_poly.pdbx_strand_id
1 'polypeptide(L)'
;(MSE)KCLVTGGNVKVLGKAVHSLSRIGDELYLEPLEDGLSLRTVNSSRSAYACFLFAPLFFQQYQAATPGQDLLRCKIL
(MSE)KSFLSVFRSLA(MSE)LEKTVEKCCISLNGRSSRLVVQLHCKFGVRKTHNLSFQDCESLQAVFDPASCPH(MSE)
LRAPARVLGEAVLPFSPALAEVTLGIGRGRRVILRSYHEEEADSTAKA(MSE)VTE(MSE)CLGEEDFQQLQAQEGVAIT
FCLKEFRGLLSFAESANLNLSIHFDAPGRPAIFTIKDSLLDGHFVLATLS
;
A
2 'polypeptide(L)'
;H(MSE)KFRAKIVDGACLNHFTRISN(MSE)IAKLAKTCTLRISPDKLNFILCDKLANGGVS(MSE)WCELEQENFFNEF
Q(MSE)EGVSAENNEIYLELTSENLSRALKTAQNARALKIKLTNKHFPCLTVSVELLS(MSE)SSSSRIVTHDIPIKVIP
RKLWKDLQEPVVPDPDVSIYLPVLKT(MSE)KSVVEK(MSE)KNISNHLVIEANLDGELNLKIETELVCVTTHFKDLGNP
PLASESTHEDRNVEH(MSE)AEVHIDIRKLLQFLAGQQVNPTKALCNIVNNK(MSE)VHFDLLHEDVSLQYFIPALS
;
B
3 'polypeptide(L)'
;DQYSLVASLDNVRNLSTILKAIHFREHATCFATKNGIKVTVENAKCVQANAFIQAGIFQEFKVQEESVTFRINLTVLLDC
LSIFGSSP(MSE)PGTLTALR(MSE)CYQGYGYPL(MSE)LFLEEGGVVTVCKINTQEPEETLDFDFCSTNVINKIILQS
EGLREAFSELD(MSE)TSEVLQIT(MSE)SPDKPYFRLSTFGNAGSSHLDYPKDSDL(MSE)EAFHCNQTQVNRYKISLL
KPSTKALVLSCKVSIRTDNRGFLSLQY(MSE)IRNEDGQICFVEYYCCPDE
;
C
#
loop_
_chem_comp.id
_chem_comp.type
_chem_comp.name
_chem_comp.formula
FRU D-saccharide, beta linking beta-D-fructofuranose 'C6 H12 O6'
GLC D-saccharide, alpha linking alpha-D-glucopyranose 'C6 H12 O6'
#
# COMPACT_ATOMS: atom_id res chain seq x y z
N MSE A 1 -39.72 -1.71 9.15
CA MSE A 1 -38.59 -2.42 9.80
C MSE A 1 -37.60 -1.40 10.32
O MSE A 1 -37.31 -0.42 9.66
CB MSE A 1 -37.88 -3.31 8.79
CG MSE A 1 -36.61 -3.92 9.36
SE MSE A 1 -35.16 -3.99 8.08
CE MSE A 1 -34.80 -2.09 7.96
N LYS A 2 -37.08 -1.64 11.52
CA LYS A 2 -36.12 -0.73 12.10
C LYS A 2 -35.10 -1.49 12.90
N CYS A 3 -33.83 -1.28 12.58
CA CYS A 3 -32.71 -1.93 13.26
C CYS A 3 -31.75 -0.86 13.75
N LEU A 4 -31.52 -0.79 15.06
CA LEU A 4 -30.60 0.19 15.62
C LEU A 4 -29.44 -0.53 16.29
N VAL A 5 -28.22 -0.24 15.84
CA VAL A 5 -27.02 -0.87 16.39
C VAL A 5 -26.17 0.14 17.14
N THR A 6 -25.53 -0.31 18.21
CA THR A 6 -24.68 0.56 19.01
C THR A 6 -23.43 -0.17 19.49
N GLY A 7 -22.49 0.60 20.04
CA GLY A 7 -21.26 0.04 20.58
C GLY A 7 -20.37 -0.67 19.57
N GLY A 8 -19.75 -1.75 20.02
CA GLY A 8 -18.89 -2.51 19.15
C GLY A 8 -19.67 -3.22 18.07
N ASN A 9 -20.94 -3.51 18.34
CA ASN A 9 -21.79 -4.20 17.40
C ASN A 9 -21.88 -3.50 16.06
N VAL A 10 -21.59 -2.21 16.02
CA VAL A 10 -21.65 -1.53 14.75
C VAL A 10 -20.44 -1.98 13.94
N LYS A 11 -19.28 -2.02 14.57
CA LYS A 11 -18.09 -2.46 13.87
C LYS A 11 -18.21 -3.92 13.42
N VAL A 12 -18.83 -4.77 14.23
CA VAL A 12 -18.93 -6.15 13.80
C VAL A 12 -19.90 -6.29 12.63
N LEU A 13 -20.94 -5.47 12.59
CA LEU A 13 -21.88 -5.55 11.46
C LEU A 13 -21.16 -5.16 10.18
N GLY A 14 -20.27 -4.17 10.29
CA GLY A 14 -19.52 -3.72 9.14
C GLY A 14 -18.64 -4.83 8.60
N LYS A 15 -18.01 -5.57 9.51
CA LYS A 15 -17.14 -6.66 9.13
C LYS A 15 -17.91 -7.77 8.42
N ALA A 16 -19.12 -8.04 8.91
CA ALA A 16 -19.96 -9.08 8.34
C ALA A 16 -20.24 -8.75 6.87
N VAL A 17 -20.41 -7.46 6.59
CA VAL A 17 -20.68 -6.98 5.25
C VAL A 17 -19.44 -7.09 4.35
N HIS A 18 -18.29 -6.72 4.87
CA HIS A 18 -17.04 -6.81 4.11
C HIS A 18 -16.89 -8.27 3.73
N SER A 19 -17.09 -9.10 4.75
CA SER A 19 -16.98 -10.53 4.61
C SER A 19 -18.00 -11.09 3.61
N LEU A 20 -19.14 -10.46 3.52
CA LEU A 20 -20.18 -10.90 2.61
C LEU A 20 -19.84 -10.41 1.20
N SER A 21 -19.26 -9.22 1.10
CA SER A 21 -18.90 -8.65 -0.20
C SER A 21 -17.84 -9.47 -0.91
N ARG A 22 -17.23 -10.41 -0.21
CA ARG A 22 -16.21 -11.24 -0.80
C ARG A 22 -16.78 -12.51 -1.41
N ILE A 23 -18.10 -12.65 -1.31
CA ILE A 23 -18.78 -13.80 -1.89
C ILE A 23 -19.63 -13.37 -3.08
N GLY A 24 -20.66 -12.57 -2.82
CA GLY A 24 -21.55 -12.13 -3.87
C GLY A 24 -21.58 -10.65 -4.22
N ASP A 25 -22.31 -10.33 -5.28
CA ASP A 25 -22.44 -8.97 -5.78
C ASP A 25 -23.75 -8.32 -5.36
N GLU A 26 -24.66 -9.13 -4.83
CA GLU A 26 -25.96 -8.62 -4.39
C GLU A 26 -26.16 -8.96 -2.92
N LEU A 27 -26.68 -8.02 -2.15
CA LEU A 27 -26.92 -8.29 -0.76
C LEU A 27 -28.41 -8.50 -0.54
N TYR A 28 -28.78 -9.67 -0.01
CA TYR A 28 -30.18 -10.00 0.26
C TYR A 28 -30.44 -9.74 1.73
N LEU A 29 -31.52 -9.02 2.01
CA LEU A 29 -31.85 -8.67 3.37
C LEU A 29 -33.29 -9.03 3.80
N GLU A 30 -33.39 -9.87 4.83
CA GLU A 30 -34.68 -10.34 5.37
C GLU A 30 -34.83 -10.16 6.86
N PRO A 31 -35.62 -9.19 7.30
CA PRO A 31 -35.75 -9.07 8.76
C PRO A 31 -36.66 -10.22 9.19
N LEU A 32 -36.10 -11.16 9.94
CA LEU A 32 -36.85 -12.31 10.40
C LEU A 32 -37.25 -12.13 11.86
N GLU A 33 -38.13 -13.00 12.31
CA GLU A 33 -38.61 -12.98 13.69
C GLU A 33 -37.44 -13.13 14.65
N ASP A 34 -36.58 -14.10 14.39
CA ASP A 34 -35.43 -14.36 15.24
C ASP A 34 -34.15 -13.62 14.82
N GLY A 35 -34.29 -12.52 14.10
CA GLY A 35 -33.13 -11.76 13.71
C GLY A 35 -33.05 -11.26 12.28
N LEU A 36 -32.05 -10.39 12.05
CA LEU A 36 -31.82 -9.83 10.73
C LEU A 36 -30.94 -10.81 9.97
N SER A 37 -31.40 -11.19 8.79
CA SER A 37 -30.68 -12.13 7.95
C SER A 37 -30.08 -11.40 6.74
N LEU A 38 -28.78 -11.56 6.54
CA LEU A 38 -28.09 -10.93 5.40
C LEU A 38 -27.48 -12.08 4.63
N ARG A 39 -27.81 -12.17 3.35
CA ARG A 39 -27.34 -13.27 2.54
C ARG A 39 -26.86 -12.84 1.18
N THR A 40 -25.99 -13.65 0.59
CA THR A 40 -25.49 -13.39 -0.76
C THR A 40 -25.14 -14.71 -1.42
N VAL A 41 -24.92 -14.65 -2.73
CA VAL A 41 -24.62 -15.84 -3.49
C VAL A 41 -23.61 -15.53 -4.59
N ASN A 42 -22.87 -16.54 -5.00
CA ASN A 42 -21.84 -16.45 -6.06
C ASN A 42 -22.42 -16.00 -7.39
N SER A 43 -21.56 -15.46 -8.24
CA SER A 43 -21.99 -15.02 -9.58
C SER A 43 -22.29 -16.26 -10.40
N SER A 44 -21.80 -17.40 -9.94
CA SER A 44 -22.01 -18.67 -10.63
C SER A 44 -22.91 -19.58 -9.80
N ARG A 45 -23.42 -19.06 -8.69
CA ARG A 45 -24.29 -19.84 -7.80
C ARG A 45 -23.60 -21.08 -7.22
N SER A 46 -22.31 -20.97 -6.95
CA SER A 46 -21.55 -22.08 -6.39
C SER A 46 -21.11 -21.77 -4.97
N ALA A 47 -21.46 -20.57 -4.50
CA ALA A 47 -21.11 -20.14 -3.15
C ALA A 47 -22.30 -19.45 -2.52
N TYR A 48 -22.54 -19.76 -1.25
CA TYR A 48 -23.64 -19.17 -0.51
C TYR A 48 -23.18 -18.76 0.89
N ALA A 49 -23.53 -17.56 1.32
CA ALA A 49 -23.15 -17.08 2.63
C ALA A 49 -24.33 -16.43 3.34
N CYS A 50 -24.42 -16.61 4.65
CA CYS A 50 -25.51 -16.02 5.43
C CYS A 50 -25.11 -15.70 6.86
N PHE A 51 -25.50 -14.51 7.31
CA PHE A 51 -25.25 -14.04 8.66
C PHE A 51 -26.63 -13.74 9.24
N LEU A 52 -26.91 -14.25 10.44
CA LEU A 52 -28.20 -14.00 11.08
C LEU A 52 -27.91 -13.32 12.41
N PHE A 53 -28.24 -12.03 12.49
CA PHE A 53 -28.00 -11.26 13.70
C PHE A 53 -29.20 -11.28 14.65
N ALA A 54 -29.11 -12.08 15.71
CA ALA A 54 -30.18 -12.19 16.68
C ALA A 54 -30.67 -10.83 17.15
N PRO A 55 -31.94 -10.74 17.55
CA PRO A 55 -32.58 -9.51 18.01
C PRO A 55 -31.78 -8.68 19.03
N LEU A 56 -31.20 -9.33 20.05
CA LEU A 56 -30.42 -8.61 21.06
C LEU A 56 -29.07 -8.11 20.54
N PHE A 57 -28.84 -8.24 19.25
CA PHE A 57 -27.59 -7.76 18.65
C PHE A 57 -27.81 -6.26 18.47
N PHE A 58 -29.07 -5.90 18.34
CA PHE A 58 -29.47 -4.52 18.13
C PHE A 58 -29.96 -3.91 19.43
N GLN A 59 -29.97 -2.58 19.49
CA GLN A 59 -30.45 -1.87 20.66
C GLN A 59 -31.95 -1.83 20.53
N GLN A 60 -32.41 -1.76 19.28
CA GLN A 60 -33.83 -1.76 18.93
C GLN A 60 -33.96 -2.61 17.66
N TYR A 61 -34.80 -3.62 17.71
CA TYR A 61 -35.02 -4.46 16.55
C TYR A 61 -36.51 -4.63 16.32
N GLN A 62 -36.99 -4.14 15.18
CA GLN A 62 -38.39 -4.23 14.84
C GLN A 62 -38.49 -4.71 13.39
N ALA A 63 -38.69 -6.02 13.24
CA ALA A 63 -38.79 -6.66 11.94
C ALA A 63 -39.98 -6.24 11.09
N ALA A 64 -41.14 -6.09 11.73
CA ALA A 64 -42.35 -5.72 11.02
C ALA A 64 -42.39 -4.24 10.71
N THR A 65 -42.86 -3.92 9.51
CA THR A 65 -42.94 -2.52 9.11
C THR A 65 -44.43 -2.20 8.93
N PRO A 66 -44.86 -1.02 9.41
CA PRO A 66 -46.27 -0.62 9.28
C PRO A 66 -46.65 -0.57 7.81
N GLY A 67 -47.78 -1.21 7.49
CA GLY A 67 -48.22 -1.23 6.12
C GLY A 67 -48.10 -2.65 5.58
N GLN A 68 -48.86 -2.95 4.54
CA GLN A 68 -48.82 -4.29 3.96
C GLN A 68 -47.37 -4.63 3.61
N ASP A 69 -46.77 -5.54 4.36
CA ASP A 69 -45.39 -5.94 4.10
C ASP A 69 -44.89 -7.12 4.92
N LEU A 70 -43.74 -7.66 4.50
CA LEU A 70 -43.06 -8.80 5.11
C LEU A 70 -41.72 -8.81 4.36
N LEU A 71 -41.01 -7.68 4.45
CA LEU A 71 -39.75 -7.43 3.78
C LEU A 71 -38.74 -8.53 3.41
N ARG A 72 -38.46 -8.57 2.11
CA ARG A 72 -37.48 -9.47 1.49
C ARG A 72 -36.99 -8.62 0.34
N CYS A 73 -35.74 -8.17 0.40
CA CYS A 73 -35.22 -7.33 -0.66
C CYS A 73 -33.75 -7.58 -0.95
N LYS A 74 -33.32 -7.14 -2.12
CA LYS A 74 -31.93 -7.29 -2.51
C LYS A 74 -31.39 -5.90 -2.80
N ILE A 75 -30.12 -5.69 -2.46
CA ILE A 75 -29.48 -4.41 -2.68
C ILE A 75 -28.06 -4.57 -3.18
N LEU A 76 -27.66 -3.69 -4.07
CA LEU A 76 -26.33 -3.70 -4.65
C LEU A 76 -25.30 -3.79 -3.53
N MSE A 77 -24.56 -4.89 -3.47
CA MSE A 77 -23.56 -5.07 -2.44
C MSE A 77 -22.63 -3.87 -2.32
O MSE A 77 -22.28 -3.46 -1.21
CB MSE A 77 -22.74 -6.32 -2.72
CG MSE A 77 -21.68 -6.61 -1.69
SE MSE A 77 -22.44 -7.09 0.02
CE MSE A 77 -22.48 -9.00 -0.23
N LYS A 78 -22.24 -3.31 -3.47
CA LYS A 78 -21.33 -2.17 -3.48
C LYS A 78 -21.92 -0.98 -2.74
N SER A 79 -23.19 -0.69 -3.00
CA SER A 79 -23.87 0.44 -2.36
C SER A 79 -23.90 0.25 -0.85
N PHE A 80 -24.17 -0.99 -0.42
CA PHE A 80 -24.24 -1.27 1.01
C PHE A 80 -22.86 -1.27 1.64
N LEU A 81 -21.88 -1.81 0.92
CA LEU A 81 -20.51 -1.84 1.43
C LEU A 81 -19.95 -0.45 1.61
N SER A 82 -20.30 0.48 0.71
CA SER A 82 -19.81 1.84 0.82
C SER A 82 -20.17 2.43 2.20
N VAL A 83 -21.35 2.08 2.70
CA VAL A 83 -21.80 2.59 4.00
C VAL A 83 -20.81 2.21 5.09
N PHE A 84 -20.30 0.98 5.05
CA PHE A 84 -19.36 0.48 6.05
C PHE A 84 -17.93 0.34 5.51
N ARG A 85 -17.67 0.88 4.33
CA ARG A 85 -16.36 0.82 3.69
C ARG A 85 -15.17 0.99 4.64
N SER A 86 -15.12 2.11 5.34
CA SER A 86 -14.01 2.39 6.26
C SER A 86 -14.22 1.91 7.69
N LEU A 87 -13.79 0.68 7.96
CA LEU A 87 -13.93 0.12 9.31
C LEU A 87 -13.21 1.01 10.32
N ALA A 88 -12.36 1.90 9.84
CA ALA A 88 -11.64 2.82 10.71
C ALA A 88 -12.63 3.89 11.15
N MSE A 89 -13.15 4.62 10.17
CA MSE A 89 -14.11 5.68 10.40
C MSE A 89 -15.27 5.19 11.26
O MSE A 89 -15.92 5.98 11.95
CB MSE A 89 -14.60 6.24 9.05
CG MSE A 89 -15.61 7.38 9.14
SE MSE A 89 -17.43 6.76 8.87
CE MSE A 89 -17.55 6.98 6.94
N LEU A 90 -15.52 3.89 11.20
CA LEU A 90 -16.59 3.30 12.00
C LEU A 90 -16.10 3.31 13.44
N GLU A 91 -15.17 2.39 13.71
CA GLU A 91 -14.57 2.22 15.02
C GLU A 91 -14.45 3.50 15.83
N LYS A 92 -14.09 4.60 15.17
CA LYS A 92 -13.92 5.88 15.83
C LYS A 92 -15.16 6.77 15.93
N THR A 93 -15.46 7.47 14.83
CA THR A 93 -16.58 8.42 14.76
C THR A 93 -18.03 7.95 14.87
N VAL A 94 -18.33 6.72 14.44
CA VAL A 94 -19.69 6.21 14.47
C VAL A 94 -20.15 5.64 15.81
N GLU A 95 -21.26 6.15 16.32
CA GLU A 95 -21.79 5.68 17.58
C GLU A 95 -23.01 4.78 17.40
N LYS A 96 -23.95 5.21 16.57
CA LYS A 96 -25.16 4.44 16.31
C LYS A 96 -25.41 4.29 14.82
N CYS A 97 -25.94 3.13 14.44
CA CYS A 97 -26.29 2.86 13.05
C CYS A 97 -27.74 2.38 13.06
N CYS A 98 -28.57 3.04 12.27
CA CYS A 98 -29.97 2.68 12.21
C CYS A 98 -30.38 2.37 10.79
N ILE A 99 -30.92 1.17 10.57
CA ILE A 99 -31.38 0.75 9.25
C ILE A 99 -32.91 0.74 9.30
N SER A 100 -33.54 1.46 8.38
CA SER A 100 -35.00 1.54 8.36
C SER A 100 -35.65 1.45 7.00
N LEU A 101 -36.94 1.11 7.02
CA LEU A 101 -37.73 0.98 5.81
C LEU A 101 -39.23 1.14 6.11
N ASN A 102 -39.92 1.87 5.23
CA ASN A 102 -41.36 2.11 5.36
C ASN A 102 -42.07 1.44 4.19
N GLY A 103 -43.35 1.15 4.37
CA GLY A 103 -44.11 0.51 3.30
C GLY A 103 -44.26 1.40 2.08
N ARG A 104 -44.33 2.71 2.31
CA ARG A 104 -44.49 3.65 1.22
C ARG A 104 -43.19 4.34 0.85
N SER A 105 -42.08 3.81 1.35
CA SER A 105 -40.77 4.37 1.04
C SER A 105 -40.21 3.55 -0.11
N SER A 106 -39.36 4.16 -0.92
CA SER A 106 -38.76 3.45 -2.05
C SER A 106 -37.30 3.13 -1.78
N ARG A 107 -36.69 3.90 -0.90
CA ARG A 107 -35.29 3.72 -0.55
C ARG A 107 -35.14 3.08 0.83
N LEU A 108 -34.01 2.41 1.04
CA LEU A 108 -33.70 1.81 2.33
C LEU A 108 -32.81 2.84 3.01
N VAL A 109 -33.12 3.18 4.25
CA VAL A 109 -32.33 4.17 4.93
C VAL A 109 -31.36 3.69 6.00
N VAL A 110 -30.09 4.04 5.80
CA VAL A 110 -29.04 3.69 6.75
C VAL A 110 -28.52 5.04 7.23
N GLN A 111 -28.64 5.27 8.53
CA GLN A 111 -28.22 6.52 9.11
C GLN A 111 -27.20 6.32 10.23
N LEU A 112 -25.98 6.81 10.00
CA LEU A 112 -24.94 6.68 11.03
C LEU A 112 -24.96 7.92 11.91
N HIS A 113 -25.11 7.71 13.21
CA HIS A 113 -25.11 8.82 14.16
C HIS A 113 -23.69 8.91 14.68
N CYS A 114 -22.98 9.96 14.24
CA CYS A 114 -21.58 10.17 14.61
C CYS A 114 -21.31 11.15 15.74
N LYS A 115 -20.06 11.15 16.20
CA LYS A 115 -19.64 12.05 17.27
C LYS A 115 -19.92 13.50 16.92
N PHE A 116 -19.97 14.33 17.95
CA PHE A 116 -20.17 15.76 17.78
C PHE A 116 -21.44 16.11 17.03
N GLY A 117 -22.46 15.26 17.16
CA GLY A 117 -23.71 15.52 16.50
C GLY A 117 -23.72 15.38 14.99
N VAL A 118 -22.63 14.91 14.42
CA VAL A 118 -22.57 14.73 12.97
C VAL A 118 -23.46 13.55 12.60
N ARG A 119 -24.14 13.67 11.47
CA ARG A 119 -25.04 12.61 11.03
C ARG A 119 -24.86 12.34 9.54
N LYS A 120 -24.82 11.08 9.17
CA LYS A 120 -24.68 10.73 7.77
C LYS A 120 -25.82 9.82 7.38
N THR A 121 -26.61 10.24 6.39
CA THR A 121 -27.74 9.45 5.92
C THR A 121 -27.51 8.92 4.51
N HIS A 122 -27.71 7.61 4.38
CA HIS A 122 -27.57 6.90 3.12
C HIS A 122 -28.92 6.37 2.70
N ASN A 123 -29.38 6.76 1.52
CA ASN A 123 -30.66 6.31 0.99
C ASN A 123 -30.39 5.31 -0.10
N LEU A 124 -30.43 4.03 0.23
CA LEU A 124 -30.16 2.98 -0.74
C LEU A 124 -31.43 2.50 -1.46
N SER A 125 -31.27 2.13 -2.71
CA SER A 125 -32.38 1.64 -3.49
C SER A 125 -32.35 0.13 -3.38
N PHE A 126 -33.51 -0.51 -3.43
CA PHE A 126 -33.59 -1.96 -3.34
C PHE A 126 -34.67 -2.51 -4.27
N GLN A 127 -34.71 -3.83 -4.39
CA GLN A 127 -35.69 -4.50 -5.24
C GLN A 127 -36.36 -5.55 -4.38
N ASP A 128 -37.70 -5.52 -4.30
CA ASP A 128 -38.39 -6.52 -3.52
C ASP A 128 -38.07 -7.81 -4.28
N CYS A 129 -37.91 -8.91 -3.56
CA CYS A 129 -37.60 -10.18 -4.19
C CYS A 129 -38.01 -11.36 -3.32
N GLU A 130 -37.60 -12.56 -3.75
CA GLU A 130 -37.90 -13.77 -3.03
C GLU A 130 -36.73 -14.15 -2.16
N SER A 131 -37.03 -14.82 -1.05
CA SER A 131 -36.01 -15.26 -0.11
C SER A 131 -34.89 -16.02 -0.82
N LEU A 132 -33.64 -15.66 -0.53
CA LEU A 132 -32.49 -16.31 -1.14
C LEU A 132 -32.22 -17.56 -0.36
N GLN A 133 -32.19 -18.71 -1.03
CA GLN A 133 -31.94 -19.96 -0.33
C GLN A 133 -30.94 -20.84 -1.03
N ALA A 134 -30.44 -21.85 -0.31
CA ALA A 134 -29.48 -22.79 -0.85
C ALA A 134 -29.77 -24.14 -0.24
N VAL A 135 -29.29 -25.20 -0.87
CA VAL A 135 -29.54 -26.53 -0.33
C VAL A 135 -28.27 -27.09 0.29
N PHE A 136 -28.36 -27.44 1.56
CA PHE A 136 -27.23 -28.03 2.26
C PHE A 136 -27.66 -28.52 3.64
N ASP A 137 -27.09 -29.64 4.05
CA ASP A 137 -27.42 -30.21 5.35
C ASP A 137 -26.13 -30.62 6.04
N PRO A 138 -25.72 -29.86 7.09
CA PRO A 138 -24.49 -30.15 7.85
C PRO A 138 -24.66 -31.45 8.63
N ALA A 139 -25.87 -31.66 9.13
CA ALA A 139 -26.19 -32.86 9.90
C ALA A 139 -25.99 -34.17 9.15
N SER A 140 -26.09 -34.14 7.83
CA SER A 140 -25.90 -35.37 7.07
C SER A 140 -24.50 -35.47 6.49
N CYS A 141 -23.62 -34.56 6.90
CA CYS A 141 -22.25 -34.60 6.44
C CYS A 141 -21.50 -35.63 7.27
N PRO A 142 -20.83 -36.58 6.62
CA PRO A 142 -20.07 -37.62 7.30
C PRO A 142 -18.78 -37.12 7.96
N HIS A 143 -18.20 -36.06 7.40
CA HIS A 143 -16.96 -35.49 7.96
C HIS A 143 -17.12 -34.05 8.43
N MSE A 144 -16.44 -33.72 9.50
CA MSE A 144 -16.46 -32.37 10.02
C MSE A 144 -15.15 -32.09 10.72
O MSE A 144 -14.37 -33.01 10.97
CB MSE A 144 -17.65 -32.16 10.96
CG MSE A 144 -17.63 -32.94 12.28
SE MSE A 144 -16.76 -31.97 13.72
CE MSE A 144 -17.90 -30.41 13.76
N LEU A 145 -14.89 -30.82 11.00
CA LEU A 145 -13.66 -30.39 11.67
C LEU A 145 -14.06 -29.14 12.44
N ARG A 146 -13.41 -28.91 13.58
CA ARG A 146 -13.68 -27.73 14.36
C ARG A 146 -12.37 -27.27 14.95
N ALA A 147 -12.07 -25.99 14.78
CA ALA A 147 -10.85 -25.42 15.31
C ALA A 147 -11.05 -23.92 15.43
N PRO A 148 -10.31 -23.27 16.35
CA PRO A 148 -10.43 -21.82 16.51
C PRO A 148 -10.04 -21.19 15.19
N ALA A 149 -10.78 -20.17 14.78
CA ALA A 149 -10.48 -19.51 13.52
C ALA A 149 -9.04 -19.01 13.46
N ARG A 150 -8.50 -18.57 14.60
CA ARG A 150 -7.13 -18.08 14.62
C ARG A 150 -6.18 -19.17 14.15
N VAL A 151 -6.48 -20.41 14.51
CA VAL A 151 -5.65 -21.53 14.11
C VAL A 151 -5.70 -21.80 12.60
N LEU A 152 -6.90 -21.79 12.03
CA LEU A 152 -7.04 -22.01 10.60
C LEU A 152 -6.39 -20.85 9.87
N GLY A 153 -6.45 -19.67 10.49
CA GLY A 153 -5.85 -18.50 9.89
C GLY A 153 -4.37 -18.73 9.73
N GLU A 154 -3.76 -19.39 10.73
CA GLU A 154 -2.35 -19.70 10.70
C GLU A 154 -2.10 -20.80 9.67
N ALA A 155 -3.07 -21.70 9.52
CA ALA A 155 -2.96 -22.81 8.57
C ALA A 155 -2.91 -22.29 7.12
N VAL A 156 -3.62 -21.22 6.87
CA VAL A 156 -3.71 -20.61 5.56
C VAL A 156 -2.65 -19.52 5.29
N LEU A 157 -1.89 -19.16 6.31
CA LEU A 157 -0.88 -18.11 6.18
C LEU A 157 0.23 -18.35 5.14
N PRO A 158 0.73 -19.58 5.01
CA PRO A 158 1.79 -19.87 4.04
C PRO A 158 1.43 -19.65 2.56
N PHE A 159 0.15 -19.79 2.24
CA PHE A 159 -0.29 -19.63 0.86
C PHE A 159 -0.28 -18.17 0.45
N SER A 160 -0.29 -17.94 -0.86
CA SER A 160 -0.31 -16.59 -1.40
C SER A 160 -1.68 -15.96 -1.22
N PRO A 161 -1.71 -14.65 -0.90
CA PRO A 161 -2.97 -13.92 -0.71
C PRO A 161 -3.82 -14.05 -1.96
N ALA A 162 -3.15 -14.32 -3.08
CA ALA A 162 -3.80 -14.46 -4.39
C ALA A 162 -4.17 -15.89 -4.80
N LEU A 163 -3.93 -16.86 -3.93
CA LEU A 163 -4.28 -18.25 -4.26
C LEU A 163 -5.79 -18.40 -4.38
N ALA A 164 -6.25 -18.96 -5.49
CA ALA A 164 -7.69 -19.13 -5.71
C ALA A 164 -8.27 -20.37 -5.03
N GLU A 165 -7.72 -21.54 -5.35
CA GLU A 165 -8.21 -22.80 -4.79
C GLU A 165 -7.22 -23.49 -3.86
N VAL A 166 -7.76 -24.27 -2.93
CA VAL A 166 -6.93 -25.00 -2.00
C VAL A 166 -7.57 -26.35 -1.70
N THR A 167 -6.72 -27.32 -1.41
CA THR A 167 -7.17 -28.67 -1.10
C THR A 167 -7.01 -28.97 0.38
N LEU A 168 -8.09 -29.41 1.01
CA LEU A 168 -8.08 -29.77 2.42
C LEU A 168 -8.19 -31.30 2.42
N GLY A 169 -7.30 -31.98 3.13
CA GLY A 169 -7.36 -33.42 3.15
C GLY A 169 -6.88 -34.01 4.46
N ILE A 170 -7.39 -35.19 4.80
CA ILE A 170 -6.97 -35.84 6.03
C ILE A 170 -5.88 -36.85 5.72
N GLY A 171 -4.79 -36.79 6.50
CA GLY A 171 -3.68 -37.71 6.31
C GLY A 171 -3.64 -38.72 7.45
N ARG A 172 -2.55 -39.48 7.53
CA ARG A 172 -2.42 -40.46 8.60
C ARG A 172 -1.96 -39.75 9.86
N GLY A 173 -2.23 -40.36 11.01
CA GLY A 173 -1.83 -39.75 12.27
C GLY A 173 -2.78 -38.62 12.59
N ARG A 174 -3.84 -38.55 11.80
CA ARG A 174 -4.86 -37.52 11.96
C ARG A 174 -4.26 -36.13 11.72
N ARG A 175 -3.38 -36.07 10.73
CA ARG A 175 -2.72 -34.83 10.33
C ARG A 175 -3.66 -34.21 9.28
N VAL A 176 -3.88 -32.90 9.37
CA VAL A 176 -4.74 -32.24 8.39
C VAL A 176 -3.82 -31.54 7.41
N ILE A 177 -4.13 -31.69 6.13
CA ILE A 177 -3.33 -31.13 5.06
C ILE A 177 -4.03 -30.06 4.24
N LEU A 178 -3.30 -28.99 3.97
CA LEU A 178 -3.80 -27.89 3.17
C LEU A 178 -2.79 -27.79 2.04
N ARG A 179 -3.26 -27.87 0.79
CA ARG A 179 -2.36 -27.82 -0.34
C ARG A 179 -2.87 -26.87 -1.41
N SER A 180 -1.97 -26.09 -2.01
CA SER A 180 -2.37 -25.16 -3.06
C SER A 180 -2.80 -25.98 -4.27
N TYR A 181 -3.83 -25.50 -4.97
CA TYR A 181 -4.33 -26.19 -6.15
C TYR A 181 -4.29 -25.30 -7.39
N HIS A 182 -4.02 -25.92 -8.53
CA HIS A 182 -3.96 -25.21 -9.81
C HIS A 182 -4.43 -26.11 -10.94
N GLU A 183 -4.58 -25.54 -12.13
CA GLU A 183 -5.01 -26.32 -13.29
C GLU A 183 -3.84 -26.56 -14.24
N GLU A 184 -4.15 -26.54 -15.54
CA GLU A 184 -3.19 -26.73 -16.61
C GLU A 184 -2.11 -27.75 -16.30
N ALA A 186 -1.65 -29.76 -18.89
CA ALA A 186 -0.86 -29.34 -20.03
C ALA A 186 0.64 -29.53 -19.76
N ASP A 187 1.30 -30.25 -20.66
CA ASP A 187 2.74 -30.53 -20.54
C ASP A 187 3.53 -29.28 -20.96
N SER A 188 3.05 -28.11 -20.54
CA SER A 188 3.71 -26.86 -20.87
C SER A 188 4.59 -26.38 -19.73
N THR A 189 5.39 -25.35 -19.99
CA THR A 189 6.27 -24.78 -18.97
C THR A 189 5.42 -23.92 -18.03
N ALA A 190 6.06 -23.12 -17.20
CA ALA A 190 5.34 -22.27 -16.25
C ALA A 190 4.62 -23.10 -15.22
N LYS A 191 5.26 -24.17 -14.77
CA LYS A 191 4.66 -25.04 -13.75
C LYS A 191 4.64 -24.24 -12.46
N ALA A 192 3.53 -24.31 -11.74
CA ALA A 192 3.39 -23.57 -10.49
C ALA A 192 4.01 -24.26 -9.29
N MSE A 193 4.49 -23.44 -8.35
CA MSE A 193 5.10 -23.94 -7.12
C MSE A 193 3.92 -24.40 -6.27
O MSE A 193 2.89 -23.73 -6.22
CB MSE A 193 5.88 -22.81 -6.39
CG MSE A 193 6.32 -23.15 -4.98
SE MSE A 193 7.15 -21.57 -4.08
CE MSE A 193 5.82 -20.24 -4.56
N VAL A 194 4.07 -25.55 -5.64
CA VAL A 194 3.00 -26.04 -4.80
C VAL A 194 3.41 -25.88 -3.36
N THR A 195 2.45 -25.49 -2.53
CA THR A 195 2.71 -25.29 -1.12
C THR A 195 1.79 -26.22 -0.35
N GLU A 196 2.30 -26.79 0.73
CA GLU A 196 1.51 -27.69 1.53
C GLU A 196 1.73 -27.40 3.01
N MSE A 197 0.65 -27.37 3.77
CA MSE A 197 0.74 -27.15 5.20
C MSE A 197 0.17 -28.36 5.88
O MSE A 197 -0.97 -28.75 5.62
CB MSE A 197 -0.05 -25.91 5.63
CG MSE A 197 0.80 -24.90 6.38
SE MSE A 197 1.23 -25.25 8.26
CE MSE A 197 2.09 -26.92 8.16
N CYS A 198 0.98 -28.98 6.73
CA CYS A 198 0.58 -30.17 7.47
C CYS A 198 0.42 -29.79 8.96
N LEU A 199 -0.81 -29.86 9.45
CA LEU A 199 -1.11 -29.49 10.84
C LEU A 199 -1.22 -30.66 11.78
N GLY A 200 -0.83 -30.43 13.04
CA GLY A 200 -0.92 -31.47 14.05
C GLY A 200 -2.38 -31.78 14.37
N GLU A 201 -2.62 -32.92 14.98
CA GLU A 201 -3.97 -33.32 15.34
C GLU A 201 -4.46 -32.49 16.52
N GLU A 202 -3.52 -32.07 17.35
CA GLU A 202 -3.84 -31.29 18.53
C GLU A 202 -4.27 -29.86 18.21
N ASP A 203 -4.19 -29.49 16.94
CA ASP A 203 -4.60 -28.14 16.55
C ASP A 203 -6.11 -28.06 16.33
N PHE A 204 -6.77 -29.22 16.30
CA PHE A 204 -8.21 -29.25 16.10
C PHE A 204 -8.98 -29.66 17.34
N GLN A 205 -10.02 -28.89 17.66
CA GLN A 205 -10.85 -29.16 18.82
C GLN A 205 -11.66 -30.43 18.52
N GLN A 206 -11.98 -30.63 17.26
CA GLN A 206 -12.72 -31.81 16.81
C GLN A 206 -12.29 -32.18 15.41
N LEU A 207 -12.18 -33.47 15.15
CA LEU A 207 -11.82 -33.94 13.82
C LEU A 207 -12.48 -35.29 13.58
N GLN A 208 -13.41 -35.34 12.65
CA GLN A 208 -14.07 -36.61 12.35
C GLN A 208 -14.11 -36.83 10.85
N ALA A 209 -12.99 -37.29 10.32
CA ALA A 209 -12.86 -37.56 8.91
C ALA A 209 -11.99 -38.78 8.69
N GLN A 210 -12.25 -39.49 7.59
CA GLN A 210 -11.49 -40.68 7.24
C GLN A 210 -10.23 -40.24 6.53
N GLU A 211 -9.10 -40.87 6.84
CA GLU A 211 -7.85 -40.53 6.16
C GLU A 211 -8.09 -40.65 4.67
N GLY A 212 -7.28 -39.97 3.87
CA GLY A 212 -7.47 -40.06 2.43
C GLY A 212 -8.61 -39.19 1.93
N VAL A 213 -9.48 -38.74 2.84
CA VAL A 213 -10.57 -37.87 2.44
C VAL A 213 -9.98 -36.51 2.09
N ALA A 214 -10.50 -35.90 1.02
CA ALA A 214 -9.99 -34.61 0.60
C ALA A 214 -10.98 -33.84 -0.29
N ILE A 215 -11.03 -32.52 -0.12
CA ILE A 215 -11.88 -31.66 -0.93
C ILE A 215 -11.09 -30.42 -1.31
N THR A 216 -11.50 -29.78 -2.42
CA THR A 216 -10.87 -28.57 -2.90
C THR A 216 -11.94 -27.49 -3.06
N PHE A 217 -11.65 -26.28 -2.58
CA PHE A 217 -12.62 -25.20 -2.64
C PHE A 217 -11.96 -23.84 -2.83
N CYS A 218 -12.80 -22.82 -2.97
CA CYS A 218 -12.33 -21.47 -3.17
C CYS A 218 -11.82 -20.83 -1.87
N LEU A 219 -10.51 -20.54 -1.85
CA LEU A 219 -9.86 -19.92 -0.71
C LEU A 219 -10.24 -18.44 -0.57
N LYS A 220 -10.30 -17.73 -1.68
CA LYS A 220 -10.66 -16.31 -1.61
C LYS A 220 -11.98 -16.15 -0.89
N GLU A 221 -12.87 -17.13 -1.07
CA GLU A 221 -14.17 -17.05 -0.43
C GLU A 221 -14.14 -17.51 1.01
N PHE A 222 -13.32 -18.52 1.30
CA PHE A 222 -13.19 -19.02 2.67
C PHE A 222 -12.65 -17.90 3.55
N ARG A 223 -11.63 -17.22 3.05
CA ARG A 223 -11.00 -16.09 3.73
C ARG A 223 -11.99 -15.03 4.16
N GLY A 224 -13.12 -14.94 3.47
CA GLY A 224 -14.13 -13.97 3.84
C GLY A 224 -14.68 -14.32 5.22
N LEU A 225 -14.90 -15.60 5.48
CA LEU A 225 -15.43 -16.01 6.78
C LEU A 225 -14.34 -16.01 7.83
N LEU A 226 -13.12 -16.38 7.42
CA LEU A 226 -11.99 -16.43 8.34
C LEU A 226 -11.74 -15.05 8.93
N SER A 227 -11.64 -14.04 8.07
CA SER A 227 -11.41 -12.69 8.53
C SER A 227 -12.42 -12.29 9.62
N PHE A 228 -13.69 -12.51 9.37
CA PHE A 228 -14.71 -12.17 10.37
C PHE A 228 -14.51 -12.99 11.65
N ALA A 229 -14.28 -14.29 11.50
CA ALA A 229 -14.10 -15.19 12.64
C ALA A 229 -12.83 -14.95 13.46
N GLU A 230 -11.72 -14.67 12.79
CA GLU A 230 -10.48 -14.41 13.51
C GLU A 230 -10.64 -13.22 14.44
N SER A 231 -11.01 -12.07 13.90
CA SER A 231 -11.16 -10.88 14.72
C SER A 231 -12.07 -11.11 15.93
N ALA A 232 -13.23 -11.72 15.68
CA ALA A 232 -14.19 -12.01 16.75
C ALA A 232 -13.67 -13.13 17.67
N ASN A 233 -12.53 -13.71 17.32
CA ASN A 233 -11.94 -14.81 18.08
C ASN A 233 -13.03 -15.85 18.37
N LEU A 234 -13.47 -16.53 17.32
CA LEU A 234 -14.51 -17.55 17.39
C LEU A 234 -14.01 -18.89 16.85
N ASN A 235 -14.75 -19.95 17.16
CA ASN A 235 -14.38 -21.27 16.66
C ASN A 235 -15.07 -21.50 15.31
N LEU A 236 -14.42 -22.23 14.42
CA LEU A 236 -15.01 -22.46 13.11
C LEU A 236 -15.20 -23.94 12.85
N SER A 237 -16.32 -24.29 12.24
CA SER A 237 -16.59 -25.69 11.91
C SER A 237 -16.69 -25.88 10.40
N ILE A 238 -16.28 -27.05 9.94
CA ILE A 238 -16.33 -27.37 8.53
C ILE A 238 -17.02 -28.72 8.39
N HIS A 239 -18.10 -28.77 7.63
CA HIS A 239 -18.81 -30.02 7.44
C HIS A 239 -18.78 -30.31 5.96
N PHE A 240 -18.21 -31.44 5.59
CA PHE A 240 -18.13 -31.79 4.17
C PHE A 240 -18.42 -33.27 3.89
N ASP A 241 -18.54 -33.59 2.60
CA ASP A 241 -18.87 -34.93 2.18
C ASP A 241 -17.76 -35.48 1.29
N ALA A 242 -18.03 -35.54 0.00
CA ALA A 242 -17.06 -36.03 -0.96
C ALA A 242 -16.87 -34.99 -2.05
N PRO A 243 -15.82 -35.12 -2.86
CA PRO A 243 -15.66 -34.11 -3.91
C PRO A 243 -16.99 -33.98 -4.64
N GLY A 244 -17.36 -32.76 -5.01
CA GLY A 244 -18.61 -32.56 -5.72
C GLY A 244 -19.75 -32.07 -4.84
N ARG A 245 -19.75 -32.45 -3.57
CA ARG A 245 -20.80 -32.00 -2.65
C ARG A 245 -20.25 -30.74 -1.98
N PRO A 246 -21.14 -29.86 -1.50
CA PRO A 246 -20.66 -28.64 -0.85
C PRO A 246 -19.99 -28.82 0.50
N ALA A 247 -19.19 -27.82 0.87
CA ALA A 247 -18.52 -27.78 2.16
C ALA A 247 -19.23 -26.67 2.94
N ILE A 248 -19.55 -26.93 4.19
CA ILE A 248 -20.26 -25.98 5.04
C ILE A 248 -19.39 -25.45 6.17
N PHE A 249 -19.12 -24.15 6.14
CA PHE A 249 -18.29 -23.46 7.14
C PHE A 249 -19.21 -22.68 8.07
N THR A 250 -19.08 -22.92 9.37
CA THR A 250 -19.96 -22.31 10.37
C THR A 250 -19.26 -21.65 11.56
N ILE A 251 -19.89 -20.61 12.07
CA ILE A 251 -19.42 -19.90 13.26
C ILE A 251 -20.68 -19.53 14.06
N LYS A 252 -20.56 -19.49 15.37
CA LYS A 252 -21.71 -19.17 16.19
C LYS A 252 -21.35 -18.38 17.44
N ASP A 253 -21.85 -17.16 17.51
CA ASP A 253 -21.62 -16.30 18.68
C ASP A 253 -22.95 -16.33 19.43
N SER A 254 -23.05 -15.59 20.52
CA SER A 254 -24.29 -15.59 21.29
C SER A 254 -25.36 -14.73 20.66
N LEU A 255 -24.93 -13.80 19.80
CA LEU A 255 -25.85 -12.88 19.15
C LEU A 255 -25.90 -13.01 17.62
N LEU A 256 -25.11 -13.90 17.06
CA LEU A 256 -25.13 -14.08 15.62
C LEU A 256 -24.68 -15.45 15.15
N ASP A 257 -25.15 -15.82 13.97
CA ASP A 257 -24.82 -17.09 13.34
C ASP A 257 -24.31 -16.79 11.94
N GLY A 258 -23.40 -17.62 11.45
CA GLY A 258 -22.88 -17.41 10.12
C GLY A 258 -22.59 -18.71 9.42
N HIS A 259 -22.96 -18.77 8.15
CA HIS A 259 -22.71 -19.96 7.36
C HIS A 259 -22.23 -19.59 5.97
N PHE A 260 -21.16 -20.26 5.54
CA PHE A 260 -20.61 -20.09 4.20
C PHE A 260 -20.64 -21.49 3.62
N VAL A 261 -21.44 -21.67 2.57
CA VAL A 261 -21.57 -22.96 1.91
C VAL A 261 -20.86 -22.88 0.57
N LEU A 262 -19.72 -23.56 0.48
CA LEU A 262 -18.88 -23.56 -0.72
C LEU A 262 -18.88 -24.88 -1.48
N ALA A 263 -18.76 -24.77 -2.79
CA ALA A 263 -18.73 -25.95 -3.63
C ALA A 263 -17.33 -26.54 -3.61
N THR A 264 -17.23 -27.79 -4.03
CA THR A 264 -15.94 -28.47 -4.08
C THR A 264 -15.83 -29.10 -5.48
N LEU A 265 -14.63 -29.11 -6.05
CA LEU A 265 -14.44 -29.70 -7.36
C LEU A 265 -14.83 -31.18 -7.35
N SER A 266 -15.25 -31.71 -8.49
CA SER A 266 -15.66 -33.11 -8.61
C SER A 266 -14.50 -34.06 -8.88
N HIS B 1 24.33 -39.08 -10.98
CA HIS B 1 23.33 -38.94 -9.88
C HIS B 1 23.65 -37.76 -8.98
N MSE B 2 23.35 -36.55 -9.46
CA MSE B 2 23.59 -35.34 -8.70
C MSE B 2 22.55 -35.19 -7.61
O MSE B 2 21.39 -35.59 -7.77
CB MSE B 2 23.53 -34.10 -9.61
CG MSE B 2 22.17 -33.83 -10.18
SE MSE B 2 22.09 -32.09 -10.97
CE MSE B 2 23.11 -32.43 -12.60
N LYS B 3 22.96 -34.62 -6.49
CA LYS B 3 22.04 -34.45 -5.38
C LYS B 3 22.46 -33.33 -4.44
N PHE B 4 21.49 -32.77 -3.74
CA PHE B 4 21.72 -31.71 -2.78
C PHE B 4 20.73 -31.81 -1.64
N ARG B 5 21.25 -31.78 -0.42
CA ARG B 5 20.42 -31.87 0.78
C ARG B 5 21.13 -31.05 1.85
N ALA B 6 20.42 -30.06 2.38
CA ALA B 6 20.98 -29.21 3.42
C ALA B 6 19.94 -28.90 4.47
N LYS B 7 20.40 -28.49 5.64
CA LYS B 7 19.50 -28.16 6.73
C LYS B 7 20.06 -27.02 7.57
N ILE B 8 19.16 -26.21 8.10
CA ILE B 8 19.52 -25.09 8.96
C ILE B 8 18.74 -25.26 10.26
N VAL B 9 19.45 -25.28 11.37
CA VAL B 9 18.80 -25.43 12.67
C VAL B 9 19.02 -24.21 13.57
N ASP B 10 19.82 -23.25 13.12
CA ASP B 10 20.11 -22.06 13.90
C ASP B 10 19.25 -20.83 13.53
N GLY B 11 18.50 -20.34 14.52
CA GLY B 11 17.61 -19.21 14.34
C GLY B 11 18.17 -18.01 13.61
N ALA B 12 19.31 -17.52 14.08
CA ALA B 12 19.94 -16.36 13.46
C ALA B 12 20.30 -16.69 12.00
N CYS B 13 20.79 -17.91 11.79
CA CYS B 13 21.18 -18.35 10.46
C CYS B 13 19.97 -18.41 9.54
N LEU B 14 18.90 -19.00 10.05
CA LEU B 14 17.69 -19.15 9.28
C LEU B 14 17.19 -17.77 8.83
N ASN B 15 17.34 -16.77 9.68
CA ASN B 15 16.89 -15.43 9.32
C ASN B 15 17.85 -14.75 8.38
N HIS B 16 19.14 -14.94 8.60
CA HIS B 16 20.13 -14.33 7.73
C HIS B 16 19.85 -14.81 6.29
N PHE B 17 19.74 -16.12 6.14
CA PHE B 17 19.48 -16.75 4.84
C PHE B 17 18.23 -16.16 4.18
N THR B 18 17.18 -16.03 4.97
CA THR B 18 15.91 -15.49 4.52
C THR B 18 16.07 -14.07 4.00
N ARG B 19 16.86 -13.27 4.70
CA ARG B 19 17.08 -11.89 4.30
C ARG B 19 17.81 -11.83 2.96
N ILE B 20 18.82 -12.69 2.83
CA ILE B 20 19.61 -12.76 1.60
C ILE B 20 18.68 -13.15 0.45
N SER B 21 17.80 -14.11 0.70
CA SER B 21 16.84 -14.54 -0.29
C SER B 21 15.90 -13.40 -0.68
N ASN B 22 15.45 -12.62 0.30
CA ASN B 22 14.55 -11.50 0.01
C ASN B 22 15.30 -10.48 -0.83
N MSE B 23 16.60 -10.38 -0.61
CA MSE B 23 17.42 -9.44 -1.35
C MSE B 23 17.51 -9.76 -2.84
O MSE B 23 17.19 -8.92 -3.68
CB MSE B 23 18.83 -9.38 -0.78
CG MSE B 23 19.81 -8.67 -1.71
SE MSE B 23 21.51 -8.38 -0.88
CE MSE B 23 22.29 -10.13 -1.20
N ILE B 24 17.96 -10.98 -3.18
CA ILE B 24 18.08 -11.32 -4.60
C ILE B 24 16.71 -11.31 -5.28
N ALA B 25 15.65 -11.54 -4.50
CA ALA B 25 14.30 -11.52 -5.05
C ALA B 25 13.98 -10.11 -5.56
N LYS B 26 14.78 -9.15 -5.09
CA LYS B 26 14.63 -7.75 -5.47
C LYS B 26 15.51 -7.43 -6.67
N LEU B 27 16.75 -7.90 -6.63
CA LEU B 27 17.73 -7.64 -7.69
C LEU B 27 17.43 -8.30 -9.04
N ALA B 28 16.72 -9.43 -9.02
CA ALA B 28 16.43 -10.15 -10.27
C ALA B 28 15.22 -11.07 -10.15
N LYS B 29 14.40 -11.07 -11.18
CA LYS B 29 13.21 -11.89 -11.22
C LYS B 29 13.63 -13.35 -11.31
N THR B 30 14.69 -13.60 -12.06
CA THR B 30 15.19 -14.95 -12.22
C THR B 30 16.69 -14.97 -11.90
N CYS B 31 17.15 -16.03 -11.25
CA CYS B 31 18.56 -16.14 -10.93
C CYS B 31 19.02 -17.59 -11.00
N THR B 32 20.34 -17.76 -10.95
CA THR B 32 20.92 -19.10 -10.99
C THR B 32 21.59 -19.41 -9.67
N LEU B 33 21.29 -20.57 -9.11
CA LEU B 33 21.89 -20.97 -7.86
C LEU B 33 22.98 -21.99 -8.12
N ARG B 34 24.21 -21.63 -7.79
CA ARG B 34 25.33 -22.53 -7.98
C ARG B 34 25.66 -23.19 -6.66
N ILE B 35 25.67 -24.52 -6.66
CA ILE B 35 25.97 -25.27 -5.45
C ILE B 35 27.33 -25.96 -5.54
N SER B 36 28.14 -25.79 -4.49
CA SER B 36 29.46 -26.37 -4.42
C SER B 36 29.60 -27.01 -3.03
N PRO B 37 30.65 -27.79 -2.82
CA PRO B 37 30.76 -28.40 -1.49
C PRO B 37 30.83 -27.43 -0.31
N ASP B 38 31.39 -26.24 -0.53
CA ASP B 38 31.55 -25.26 0.55
C ASP B 38 30.83 -23.94 0.35
N LYS B 39 30.23 -23.74 -0.81
CA LYS B 39 29.57 -22.48 -1.10
C LYS B 39 28.23 -22.60 -1.77
N LEU B 40 27.59 -21.45 -1.91
CA LEU B 40 26.31 -21.31 -2.55
C LEU B 40 26.37 -19.91 -3.16
N ASN B 41 26.19 -19.82 -4.48
CA ASN B 41 26.22 -18.52 -5.13
C ASN B 41 24.92 -18.26 -5.87
N PHE B 42 24.46 -17.01 -5.82
CA PHE B 42 23.26 -16.61 -6.55
C PHE B 42 23.87 -15.79 -7.66
N ILE B 43 23.55 -16.16 -8.89
CA ILE B 43 24.13 -15.51 -10.05
C ILE B 43 23.15 -14.97 -11.08
N LEU B 44 23.39 -13.74 -11.52
CA LEU B 44 22.57 -13.13 -12.55
C LEU B 44 23.50 -12.54 -13.59
N CYS B 45 23.52 -13.14 -14.78
CA CYS B 45 24.38 -12.67 -15.87
C CYS B 45 23.54 -12.20 -17.04
N ASP B 46 22.37 -11.63 -16.74
CA ASP B 46 21.48 -11.12 -17.78
C ASP B 46 22.15 -10.02 -18.58
N LYS B 47 22.53 -10.34 -19.82
CA LYS B 47 23.18 -9.38 -20.71
C LYS B 47 22.11 -8.80 -21.62
N LEU B 48 22.10 -7.47 -21.76
CA LEU B 48 21.11 -6.79 -22.59
C LEU B 48 21.80 -5.86 -23.59
N GLY B 51 22.40 -3.61 -21.97
CA GLY B 51 22.50 -3.49 -20.53
C GLY B 51 22.83 -4.81 -19.85
N GLY B 52 24.10 -5.20 -19.95
CA GLY B 52 24.55 -6.45 -19.36
C GLY B 52 24.95 -6.37 -17.90
N VAL B 53 24.02 -5.95 -17.05
CA VAL B 53 24.29 -5.85 -15.63
C VAL B 53 24.41 -7.26 -15.02
N SER B 54 25.43 -7.47 -14.20
CA SER B 54 25.64 -8.77 -13.57
C SER B 54 25.65 -8.69 -12.05
N MSE B 55 25.26 -9.78 -11.40
CA MSE B 55 25.23 -9.83 -9.94
C MSE B 55 25.81 -11.15 -9.48
O MSE B 55 25.44 -12.20 -9.97
CB MSE B 55 23.79 -9.69 -9.44
CG MSE B 55 23.66 -9.51 -7.93
SE MSE B 55 22.84 -11.03 -7.05
CE MSE B 55 21.16 -11.04 -8.02
N TRP B 56 26.75 -11.08 -8.54
CA TRP B 56 27.40 -12.27 -8.00
C TRP B 56 27.36 -12.24 -6.48
N CYS B 57 26.62 -13.19 -5.90
CA CYS B 57 26.47 -13.29 -4.45
C CYS B 57 27.10 -14.58 -3.98
N GLU B 58 27.80 -14.54 -2.86
CA GLU B 58 28.45 -15.73 -2.38
C GLU B 58 28.27 -16.00 -0.89
N LEU B 59 27.82 -17.21 -0.56
CA LEU B 59 27.60 -17.61 0.82
C LEU B 59 28.55 -18.75 1.18
N GLU B 60 29.06 -18.74 2.41
CA GLU B 60 29.92 -19.81 2.87
C GLU B 60 29.06 -20.79 3.64
N GLN B 61 28.70 -21.85 2.94
CA GLN B 61 27.87 -22.91 3.48
C GLN B 61 27.96 -23.12 4.99
N GLU B 62 29.16 -23.13 5.54
CA GLU B 62 29.32 -23.36 6.97
C GLU B 62 28.79 -22.28 7.89
N ASN B 63 28.42 -21.13 7.32
CA ASN B 63 27.90 -20.04 8.15
C ASN B 63 26.38 -20.07 8.27
N PHE B 64 25.77 -21.03 7.59
CA PHE B 64 24.33 -21.12 7.64
C PHE B 64 23.83 -22.51 8.02
N PHE B 65 24.29 -23.50 7.27
CA PHE B 65 23.85 -24.88 7.44
C PHE B 65 24.56 -25.74 8.46
N ASN B 66 23.80 -26.54 9.19
CA ASN B 66 24.39 -27.44 10.16
C ASN B 66 24.54 -28.79 9.48
N GLU B 67 23.94 -28.91 8.29
CA GLU B 67 24.00 -30.12 7.47
C GLU B 67 24.09 -29.68 6.01
N PHE B 68 25.07 -30.22 5.28
CA PHE B 68 25.23 -29.83 3.89
C PHE B 68 25.83 -30.96 3.09
N GLN B 69 25.19 -31.32 1.97
CA GLN B 69 25.69 -32.38 1.11
C GLN B 69 25.24 -32.24 -0.32
N MSE B 70 26.19 -32.42 -1.24
CA MSE B 70 25.89 -32.36 -2.66
C MSE B 70 26.87 -33.18 -3.51
O MSE B 70 27.97 -33.51 -3.07
CB MSE B 70 25.85 -30.89 -3.15
CG MSE B 70 27.18 -30.14 -3.16
SE MSE B 70 28.40 -30.63 -4.60
CE MSE B 70 29.93 -31.04 -3.49
N GLU B 71 26.43 -33.50 -4.71
CA GLU B 71 27.23 -34.26 -5.67
C GLU B 71 26.95 -33.58 -6.99
N GLY B 72 27.99 -33.02 -7.60
CA GLY B 72 27.79 -32.33 -8.86
C GLY B 72 27.43 -33.28 -9.97
N VAL B 73 27.66 -32.85 -11.20
CA VAL B 73 27.37 -33.67 -12.37
C VAL B 73 28.41 -34.79 -12.52
N SER B 74 29.64 -34.50 -12.11
CA SER B 74 30.73 -35.47 -12.19
C SER B 74 31.86 -35.06 -11.27
N ALA B 75 32.62 -36.03 -10.79
CA ALA B 75 33.73 -35.78 -9.88
C ALA B 75 34.62 -34.62 -10.34
N GLU B 76 34.97 -34.63 -11.62
CA GLU B 76 35.81 -33.57 -12.18
C GLU B 76 35.19 -32.20 -11.93
N ASN B 77 33.93 -32.04 -12.33
CA ASN B 77 33.20 -30.80 -12.14
C ASN B 77 32.08 -31.08 -11.16
N ASN B 78 32.41 -30.95 -9.88
CA ASN B 78 31.50 -31.22 -8.78
C ASN B 78 30.71 -29.97 -8.38
N GLU B 79 29.84 -29.53 -9.29
CA GLU B 79 29.00 -28.36 -9.06
C GLU B 79 27.62 -28.65 -9.62
N ILE B 80 26.68 -27.76 -9.31
CA ILE B 80 25.30 -27.85 -9.80
C ILE B 80 24.82 -26.42 -10.02
N TYR B 81 24.12 -26.20 -11.14
CA TYR B 81 23.59 -24.89 -11.48
C TYR B 81 22.08 -25.02 -11.73
N LEU B 82 21.28 -24.45 -10.83
CA LEU B 82 19.82 -24.49 -10.94
C LEU B 82 19.27 -23.10 -11.18
N GLU B 83 18.43 -22.96 -12.20
CA GLU B 83 17.81 -21.67 -12.49
C GLU B 83 16.44 -21.69 -11.82
N LEU B 84 16.09 -20.58 -11.16
CA LEU B 84 14.83 -20.51 -10.45
C LEU B 84 14.24 -19.11 -10.44
N THR B 85 12.96 -19.02 -10.04
CA THR B 85 12.28 -17.74 -9.92
C THR B 85 12.53 -17.30 -8.48
N SER B 86 13.20 -16.17 -8.31
CA SER B 86 13.55 -15.65 -7.01
C SER B 86 12.42 -15.53 -5.98
N GLU B 87 11.31 -14.90 -6.36
CA GLU B 87 10.22 -14.74 -5.41
C GLU B 87 9.78 -16.10 -4.87
N ASN B 88 9.97 -17.15 -5.67
CA ASN B 88 9.62 -18.48 -5.25
C ASN B 88 10.36 -18.85 -3.96
N LEU B 89 11.67 -18.61 -3.92
CA LEU B 89 12.46 -18.91 -2.75
C LEU B 89 12.13 -17.99 -1.56
N SER B 90 11.69 -16.78 -1.84
CA SER B 90 11.32 -15.85 -0.77
C SER B 90 9.99 -16.27 -0.19
N ARG B 91 9.04 -16.63 -1.04
CA ARG B 91 7.72 -17.03 -0.57
C ARG B 91 7.85 -18.27 0.28
N ALA B 92 8.79 -19.14 -0.07
CA ALA B 92 9.01 -20.36 0.68
C ALA B 92 9.55 -20.04 2.09
N LEU B 93 10.40 -19.02 2.20
CA LEU B 93 10.97 -18.64 3.49
C LEU B 93 10.07 -17.69 4.27
N LYS B 94 8.89 -17.45 3.72
CA LYS B 94 7.88 -16.55 4.28
C LYS B 94 7.61 -16.71 5.78
N THR B 95 7.49 -17.95 6.26
CA THR B 95 7.18 -18.18 7.67
C THR B 95 8.35 -18.64 8.52
N ALA B 96 9.56 -18.53 7.99
CA ALA B 96 10.77 -18.95 8.69
C ALA B 96 11.02 -18.16 9.98
N GLN B 97 10.26 -17.09 10.18
CA GLN B 97 10.38 -16.24 11.37
C GLN B 97 10.05 -17.06 12.62
N ASN B 98 9.08 -17.96 12.47
CA ASN B 98 8.65 -18.80 13.57
C ASN B 98 9.07 -20.22 13.27
N ALA B 99 10.28 -20.37 12.72
CA ALA B 99 10.77 -21.69 12.37
C ALA B 99 11.75 -22.28 13.35
N ARG B 100 11.69 -23.60 13.49
CA ARG B 100 12.60 -24.32 14.37
C ARG B 100 13.74 -24.78 13.50
N ALA B 101 13.40 -25.30 12.32
CA ALA B 101 14.39 -25.78 11.38
C ALA B 101 13.97 -25.60 9.91
N LEU B 102 14.95 -25.67 9.03
CA LEU B 102 14.70 -25.53 7.60
C LEU B 102 15.46 -26.62 6.88
N LYS B 103 14.79 -27.29 5.93
CA LYS B 103 15.45 -28.32 5.12
C LYS B 103 15.31 -27.94 3.65
N ILE B 104 16.39 -28.06 2.90
CA ILE B 104 16.36 -27.78 1.48
C ILE B 104 16.84 -29.06 0.83
N LYS B 105 16.17 -29.49 -0.24
CA LYS B 105 16.60 -30.72 -0.88
C LYS B 105 16.17 -30.77 -2.34
N LEU B 106 17.12 -31.09 -3.22
CA LEU B 106 16.81 -31.20 -4.65
C LEU B 106 16.00 -32.48 -4.83
N THR B 107 14.79 -32.35 -5.36
CA THR B 107 13.93 -33.50 -5.55
C THR B 107 13.44 -33.59 -7.00
N ASN B 108 12.68 -34.63 -7.30
CA ASN B 108 12.14 -34.83 -8.64
C ASN B 108 10.84 -35.62 -8.62
N LYS B 109 9.90 -35.19 -7.78
CA LYS B 109 8.60 -35.86 -7.66
C LYS B 109 7.84 -35.76 -8.99
N HIS B 110 7.24 -34.61 -9.25
CA HIS B 110 6.50 -34.39 -10.49
C HIS B 110 7.46 -33.92 -11.56
N PHE B 111 8.54 -33.29 -11.12
CA PHE B 111 9.57 -32.76 -12.01
C PHE B 111 10.59 -32.09 -11.11
N PRO B 112 11.80 -31.82 -11.62
CA PRO B 112 12.83 -31.17 -10.80
C PRO B 112 12.39 -29.92 -10.04
N CYS B 113 12.62 -29.97 -8.73
CA CYS B 113 12.30 -28.89 -7.81
C CYS B 113 13.31 -28.81 -6.69
N LEU B 114 13.34 -27.66 -6.05
CA LEU B 114 14.20 -27.49 -4.91
C LEU B 114 13.05 -27.49 -3.88
N THR B 115 12.99 -28.51 -3.04
CA THR B 115 11.93 -28.59 -2.05
C THR B 115 12.41 -28.02 -0.72
N VAL B 116 11.68 -27.04 -0.20
CA VAL B 116 12.01 -26.40 1.07
C VAL B 116 10.97 -26.72 2.13
N SER B 117 11.42 -27.33 3.22
CA SER B 117 10.52 -27.71 4.30
C SER B 117 10.76 -26.90 5.56
N VAL B 118 9.77 -26.15 6.00
CA VAL B 118 9.94 -25.34 7.21
C VAL B 118 9.23 -25.99 8.38
N GLU B 119 9.99 -26.44 9.38
CA GLU B 119 9.42 -27.08 10.56
C GLU B 119 9.13 -25.94 11.53
N LEU B 120 7.86 -25.61 11.71
CA LEU B 120 7.47 -24.52 12.59
C LEU B 120 7.69 -24.83 14.07
N LEU B 121 7.89 -23.77 14.85
CA LEU B 121 8.10 -23.86 16.27
C LEU B 121 6.90 -24.54 16.88
N SER B 122 7.13 -25.41 17.85
CA SER B 122 6.04 -26.12 18.50
C SER B 122 6.39 -26.41 19.95
N MSE B 123 5.35 -26.62 20.76
CA MSE B 123 5.53 -26.92 22.17
C MSE B 123 5.40 -28.42 22.44
O MSE B 123 5.73 -28.90 23.53
CB MSE B 123 4.51 -26.13 22.99
CG MSE B 123 4.84 -24.64 23.10
SE MSE B 123 6.62 -24.38 23.85
CE MSE B 123 6.21 -24.74 25.69
N SER B 124 4.93 -29.15 21.43
CA SER B 124 4.72 -30.59 21.51
C SER B 124 5.77 -31.37 20.71
N SER B 125 5.54 -32.67 20.54
CA SER B 125 6.46 -33.51 19.78
C SER B 125 6.20 -33.39 18.29
N SER B 126 5.00 -32.98 17.93
CA SER B 126 4.64 -32.85 16.53
C SER B 126 4.49 -31.39 16.13
N SER B 127 5.41 -30.90 15.30
CA SER B 127 5.34 -29.53 14.83
C SER B 127 4.69 -29.46 13.46
N ARG B 128 4.13 -28.29 13.15
CA ARG B 128 3.51 -28.09 11.85
C ARG B 128 4.63 -27.98 10.84
N ILE B 129 4.39 -28.50 9.63
CA ILE B 129 5.39 -28.48 8.57
C ILE B 129 4.88 -27.80 7.31
N VAL B 130 5.65 -26.85 6.80
CA VAL B 130 5.31 -26.15 5.58
C VAL B 130 6.24 -26.66 4.48
N THR B 131 5.70 -27.24 3.43
CA THR B 131 6.53 -27.75 2.34
C THR B 131 6.25 -26.98 1.05
N HIS B 132 7.33 -26.62 0.35
CA HIS B 132 7.26 -25.87 -0.91
C HIS B 132 8.10 -26.57 -1.99
N ASP B 133 7.49 -26.84 -3.13
CA ASP B 133 8.22 -27.47 -4.22
C ASP B 133 8.52 -26.42 -5.28
N ILE B 134 9.76 -25.95 -5.26
CA ILE B 134 10.20 -24.91 -6.17
C ILE B 134 10.70 -25.45 -7.49
N PRO B 135 10.00 -25.14 -8.59
CA PRO B 135 10.42 -25.61 -9.90
C PRO B 135 11.79 -25.03 -10.29
N ILE B 136 12.73 -25.89 -10.65
CA ILE B 136 14.05 -25.44 -11.07
C ILE B 136 14.41 -26.08 -12.40
N LYS B 137 15.32 -25.44 -13.11
CA LYS B 137 15.80 -25.91 -14.39
C LYS B 137 17.30 -26.13 -14.23
N VAL B 138 17.75 -27.38 -14.41
CA VAL B 138 19.16 -27.69 -14.27
C VAL B 138 19.91 -27.12 -15.47
N ILE B 139 20.99 -26.40 -15.21
CA ILE B 139 21.77 -25.82 -16.28
C ILE B 139 22.93 -26.75 -16.61
N PRO B 140 23.02 -27.19 -17.88
CA PRO B 140 24.07 -28.09 -18.37
C PRO B 140 25.47 -27.47 -18.40
N ARG B 141 26.49 -28.28 -18.08
CA ARG B 141 27.88 -27.82 -18.03
C ARG B 141 28.30 -26.89 -19.16
N LYS B 142 27.79 -27.12 -20.37
CA LYS B 142 28.18 -26.30 -21.51
C LYS B 142 27.80 -24.84 -21.30
N LEU B 143 26.74 -24.60 -20.55
CA LEU B 143 26.27 -23.24 -20.30
C LEU B 143 26.91 -22.57 -19.08
N TRP B 144 27.69 -23.33 -18.33
CA TRP B 144 28.35 -22.83 -17.12
C TRP B 144 29.31 -21.69 -17.39
N LYS B 145 29.80 -21.61 -18.62
CA LYS B 145 30.75 -20.57 -19.00
C LYS B 145 30.16 -19.19 -18.86
N ASP B 146 28.87 -19.07 -19.11
CA ASP B 146 28.19 -17.78 -19.00
C ASP B 146 27.60 -17.57 -17.62
N LEU B 147 28.20 -18.19 -16.61
CA LEU B 147 27.76 -18.05 -15.24
C LEU B 147 28.95 -17.98 -14.29
N GLN B 148 30.01 -17.33 -14.76
CA GLN B 148 31.23 -17.14 -13.99
C GLN B 148 31.25 -15.68 -13.56
N GLU B 149 31.79 -15.40 -12.38
CA GLU B 149 31.82 -14.02 -11.92
C GLU B 149 32.71 -13.15 -12.81
N PRO B 150 32.15 -12.04 -13.30
CA PRO B 150 32.85 -11.09 -14.18
C PRO B 150 34.25 -10.71 -13.70
N VAL B 151 35.13 -10.48 -14.67
CA VAL B 151 36.50 -10.07 -14.37
C VAL B 151 36.47 -8.62 -13.91
N VAL B 152 37.25 -8.30 -12.89
CA VAL B 152 37.28 -6.94 -12.38
C VAL B 152 38.44 -6.12 -12.93
N PRO B 153 38.22 -5.38 -14.03
CA PRO B 153 39.32 -4.57 -14.57
C PRO B 153 39.62 -3.53 -13.49
N ASP B 154 40.90 -3.26 -13.26
CA ASP B 154 41.26 -2.30 -12.22
C ASP B 154 40.46 -1.01 -12.32
N PRO B 155 39.88 -0.58 -11.19
CA PRO B 155 39.08 0.64 -11.13
C PRO B 155 39.91 1.90 -11.18
N ASP B 156 39.49 2.86 -12.01
CA ASP B 156 40.20 4.13 -12.08
C ASP B 156 40.10 4.74 -10.68
N VAL B 157 38.91 4.63 -10.09
CA VAL B 157 38.66 5.14 -8.74
C VAL B 157 37.88 4.11 -7.93
N SER B 158 38.29 3.94 -6.69
CA SER B 158 37.64 3.02 -5.76
C SER B 158 37.34 3.89 -4.54
N ILE B 159 36.07 4.06 -4.24
CA ILE B 159 35.67 4.92 -3.13
C ILE B 159 34.65 4.29 -2.20
N TYR B 160 34.72 4.63 -0.92
CA TYR B 160 33.75 4.10 0.01
C TYR B 160 32.41 4.76 -0.33
N LEU B 161 31.34 3.97 -0.34
CA LEU B 161 30.02 4.53 -0.64
C LEU B 161 29.42 5.25 0.58
N PRO B 162 28.50 6.19 0.33
CA PRO B 162 27.87 6.91 1.44
C PRO B 162 26.71 6.06 1.96
N VAL B 163 26.00 6.53 2.99
CA VAL B 163 24.86 5.79 3.56
C VAL B 163 23.92 5.45 2.42
N LEU B 164 23.69 4.15 2.21
CA LEU B 164 22.82 3.70 1.13
C LEU B 164 21.38 4.20 1.17
N LYS B 165 20.79 4.27 2.36
CA LYS B 165 19.43 4.78 2.48
C LYS B 165 19.32 6.19 1.89
N THR B 166 20.32 7.03 2.18
CA THR B 166 20.34 8.39 1.66
C THR B 166 20.47 8.39 0.15
N MSE B 167 21.34 7.54 -0.38
CA MSE B 167 21.51 7.44 -1.83
C MSE B 167 20.21 7.00 -2.48
O MSE B 167 19.81 7.52 -3.52
CB MSE B 167 22.58 6.42 -2.18
CG MSE B 167 23.93 7.00 -2.47
SE MSE B 167 25.15 5.57 -2.89
CE MSE B 167 24.84 5.44 -4.79
N LYS B 168 19.55 6.04 -1.84
CA LYS B 168 18.29 5.49 -2.34
C LYS B 168 17.28 6.62 -2.50
N SER B 169 17.11 7.42 -1.46
CA SER B 169 16.16 8.52 -1.50
C SER B 169 16.45 9.45 -2.67
N VAL B 170 17.71 9.84 -2.81
CA VAL B 170 18.12 10.74 -3.87
C VAL B 170 17.91 10.16 -5.28
N VAL B 171 18.36 8.93 -5.54
CA VAL B 171 18.16 8.38 -6.89
C VAL B 171 16.68 8.07 -7.12
N GLU B 172 15.96 7.84 -6.04
CA GLU B 172 14.52 7.58 -6.13
C GLU B 172 13.88 8.78 -6.80
N LYS B 173 14.11 9.96 -6.23
CA LYS B 173 13.58 11.21 -6.73
C LYS B 173 14.15 11.62 -8.08
N MSE B 174 15.43 11.38 -8.30
CA MSE B 174 16.04 11.73 -9.58
C MSE B 174 15.39 10.93 -10.70
O MSE B 174 15.19 11.43 -11.80
CB MSE B 174 17.53 11.46 -9.58
CG MSE B 174 18.32 12.35 -8.63
SE MSE B 174 20.24 12.15 -8.85
CE MSE B 174 20.48 10.60 -7.75
N LYS B 175 15.06 9.68 -10.39
CA LYS B 175 14.43 8.78 -11.37
C LYS B 175 13.10 9.35 -11.85
N ASN B 176 12.46 10.14 -11.00
CA ASN B 176 11.19 10.75 -11.38
C ASN B 176 11.43 11.82 -12.43
N ILE B 177 12.68 12.26 -12.56
CA ILE B 177 13.01 13.31 -13.53
C ILE B 177 13.65 12.78 -14.79
N SER B 178 14.43 11.71 -14.66
CA SER B 178 15.16 11.13 -15.79
C SER B 178 15.58 9.71 -15.47
N ASN B 179 15.87 8.91 -16.49
CA ASN B 179 16.32 7.55 -16.23
C ASN B 179 17.81 7.42 -16.53
N HIS B 180 18.43 8.51 -16.96
CA HIS B 180 19.87 8.54 -17.24
C HIS B 180 20.57 9.16 -16.03
N LEU B 181 21.67 8.58 -15.60
CA LEU B 181 22.38 9.09 -14.44
C LEU B 181 23.88 9.01 -14.58
N VAL B 182 24.58 10.05 -14.14
CA VAL B 182 26.03 10.05 -14.16
C VAL B 182 26.50 9.96 -12.73
N ILE B 183 27.38 9.01 -12.46
CA ILE B 183 27.94 8.85 -11.13
C ILE B 183 29.44 9.07 -11.27
N GLU B 184 30.00 9.94 -10.43
CA GLU B 184 31.42 10.25 -10.48
C GLU B 184 32.05 10.34 -9.10
N ALA B 185 33.35 10.03 -9.03
CA ALA B 185 34.07 10.07 -7.77
C ALA B 185 35.56 10.22 -7.99
N ASN B 186 36.26 10.58 -6.92
CA ASN B 186 37.70 10.76 -6.97
C ASN B 186 38.38 10.21 -5.73
N LEU B 187 39.70 10.39 -5.67
CA LEU B 187 40.49 9.90 -4.55
C LEU B 187 40.49 10.88 -3.39
N ASP B 188 39.71 11.96 -3.52
CA ASP B 188 39.61 12.97 -2.46
C ASP B 188 38.35 12.74 -1.61
N GLY B 189 37.76 11.56 -1.74
CA GLY B 189 36.58 11.23 -0.94
C GLY B 189 35.30 11.87 -1.40
N GLU B 190 35.25 12.29 -2.66
CA GLU B 190 34.04 12.92 -3.18
C GLU B 190 33.30 12.06 -4.21
N LEU B 191 31.98 12.02 -4.09
CA LEU B 191 31.15 11.27 -5.03
C LEU B 191 29.91 12.09 -5.35
N ASN B 192 29.60 12.21 -6.64
CA ASN B 192 28.42 12.96 -7.08
C ASN B 192 27.46 12.13 -7.90
N LEU B 193 26.17 12.38 -7.72
CA LEU B 193 25.13 11.74 -8.49
C LEU B 193 24.58 12.90 -9.31
N LYS B 194 24.40 12.70 -10.61
CA LYS B 194 23.95 13.78 -11.47
C LYS B 194 22.99 13.41 -12.59
N ILE B 195 21.94 14.22 -12.75
CA ILE B 195 21.00 14.02 -13.84
C ILE B 195 20.87 15.35 -14.55
N GLU B 196 20.82 15.30 -15.87
CA GLU B 196 20.69 16.49 -16.69
C GLU B 196 19.63 16.31 -17.77
N THR B 197 18.60 17.15 -17.72
CA THR B 197 17.56 17.10 -18.72
C THR B 197 17.43 18.52 -19.23
N GLU B 198 16.64 18.71 -20.27
CA GLU B 198 16.45 20.03 -20.84
C GLU B 198 15.90 21.07 -19.87
N LEU B 199 14.84 20.70 -19.15
CA LEU B 199 14.19 21.62 -18.22
C LEU B 199 14.60 21.56 -16.75
N VAL B 200 15.52 20.66 -16.40
CA VAL B 200 15.97 20.58 -15.01
C VAL B 200 17.23 19.74 -14.80
N CYS B 201 18.13 20.26 -13.97
CA CYS B 201 19.34 19.55 -13.64
C CYS B 201 19.41 19.43 -12.13
N VAL B 202 19.96 18.32 -11.65
CA VAL B 202 20.09 18.07 -10.22
C VAL B 202 21.39 17.33 -9.97
N THR B 203 22.17 17.82 -9.00
CA THR B 203 23.43 17.21 -8.62
C THR B 203 23.55 17.09 -7.12
N THR B 204 23.79 15.87 -6.63
CA THR B 204 23.94 15.66 -5.20
C THR B 204 25.42 15.36 -4.91
N HIS B 205 26.00 16.19 -4.04
CA HIS B 205 27.40 16.10 -3.64
C HIS B 205 27.64 15.38 -2.33
N PHE B 206 28.31 14.23 -2.40
CA PHE B 206 28.68 13.48 -1.20
C PHE B 206 30.17 13.74 -1.02
N LYS B 207 30.60 13.97 0.22
CA LYS B 207 32.01 14.22 0.47
C LYS B 207 32.49 13.57 1.76
N ASP B 208 33.80 13.62 2.00
CA ASP B 208 34.41 13.03 3.18
C ASP B 208 34.08 11.52 3.32
N LEU B 209 33.99 10.85 2.17
CA LEU B 209 33.67 9.44 2.12
C LEU B 209 34.85 8.51 2.37
N GLY B 210 36.05 8.97 2.03
CA GLY B 210 37.23 8.16 2.22
C GLY B 210 37.49 7.22 1.07
N ASN B 211 38.74 6.80 0.93
CA ASN B 211 39.14 5.88 -0.12
C ASN B 211 40.00 4.79 0.49
N PRO B 212 39.98 3.59 -0.10
CA PRO B 212 40.78 2.49 0.42
C PRO B 212 42.23 2.63 -0.05
N PRO B 213 43.20 2.38 0.84
CA PRO B 213 44.63 2.48 0.54
C PRO B 213 45.01 1.66 -0.69
N LEU B 214 46.15 2.00 -1.29
CA LEU B 214 46.66 1.33 -2.49
C LEU B 214 45.81 1.63 -3.73
N VAL B 225 46.17 13.20 -9.93
CA VAL B 225 45.24 14.32 -9.98
C VAL B 225 43.94 13.93 -9.30
N GLU B 226 43.10 14.93 -8.99
CA GLU B 226 41.82 14.68 -8.35
C GLU B 226 40.68 14.80 -9.34
N HIS B 227 40.96 14.52 -10.60
CA HIS B 227 39.91 14.56 -11.62
C HIS B 227 39.08 13.33 -11.29
N MSE B 228 37.80 13.39 -11.61
CA MSE B 228 36.95 12.27 -11.30
C MSE B 228 36.79 11.27 -12.42
O MSE B 228 37.01 11.58 -13.59
CB MSE B 228 35.58 12.78 -10.88
CG MSE B 228 35.66 13.85 -9.82
SE MSE B 228 33.97 14.25 -9.08
CE MSE B 228 34.28 13.59 -7.29
N ALA B 229 36.44 10.05 -12.02
CA ALA B 229 36.18 8.99 -12.97
C ALA B 229 34.67 8.99 -12.97
N GLU B 230 34.07 8.97 -14.15
CA GLU B 230 32.62 8.98 -14.22
C GLU B 230 32.09 7.88 -15.13
N VAL B 231 30.78 7.77 -15.18
CA VAL B 231 30.12 6.77 -16.01
C VAL B 231 28.62 7.02 -16.06
N HIS B 232 28.06 7.03 -17.27
CA HIS B 232 26.64 7.23 -17.46
C HIS B 232 25.96 5.88 -17.33
N ILE B 233 24.91 5.81 -16.50
CA ILE B 233 24.22 4.55 -16.30
C ILE B 233 22.70 4.63 -16.27
N ASP B 234 22.06 3.47 -16.39
CA ASP B 234 20.62 3.39 -16.35
C ASP B 234 20.28 3.56 -14.85
N ILE B 235 19.55 4.61 -14.53
CA ILE B 235 19.22 4.88 -13.14
C ILE B 235 18.38 3.77 -12.53
N ARG B 236 17.46 3.22 -13.30
CA ARG B 236 16.59 2.15 -12.81
C ARG B 236 17.41 0.97 -12.26
N LYS B 237 18.59 0.73 -12.84
CA LYS B 237 19.44 -0.36 -12.40
C LYS B 237 20.15 -0.02 -11.10
N LEU B 238 20.47 1.25 -10.92
CA LEU B 238 21.14 1.71 -9.71
C LEU B 238 20.11 1.66 -8.57
N LEU B 239 18.87 2.04 -8.89
CA LEU B 239 17.78 2.03 -7.92
C LEU B 239 17.56 0.60 -7.46
N GLN B 240 17.54 -0.31 -8.43
CA GLN B 240 17.35 -1.72 -8.16
C GLN B 240 18.37 -2.23 -7.15
N PHE B 241 19.64 -2.00 -7.41
CA PHE B 241 20.71 -2.42 -6.52
C PHE B 241 20.55 -1.86 -5.11
N LEU B 242 20.25 -0.56 -5.01
CA LEU B 242 20.07 0.09 -3.72
C LEU B 242 18.80 -0.38 -3.02
N ALA B 243 17.75 -0.59 -3.79
CA ALA B 243 16.49 -1.05 -3.24
C ALA B 243 16.70 -2.42 -2.59
N GLY B 244 17.58 -3.21 -3.18
CA GLY B 244 17.86 -4.53 -2.64
C GLY B 244 18.50 -4.55 -1.27
N GLN B 245 19.42 -3.63 -1.04
CA GLN B 245 20.11 -3.55 0.24
C GLN B 245 19.15 -3.08 1.33
N GLN B 246 18.80 -3.99 2.23
CA GLN B 246 17.88 -3.68 3.30
C GLN B 246 18.55 -2.85 4.40
N VAL B 247 19.86 -3.04 4.58
CA VAL B 247 20.62 -2.30 5.60
C VAL B 247 21.99 -1.86 5.10
N ASN B 248 22.53 -0.80 5.70
CA ASN B 248 23.84 -0.28 5.30
C ASN B 248 24.92 -1.31 5.61
N PRO B 249 25.54 -1.87 4.57
CA PRO B 249 26.59 -2.89 4.65
C PRO B 249 27.84 -2.51 5.42
N THR B 250 28.46 -3.50 6.05
CA THR B 250 29.69 -3.32 6.82
C THR B 250 30.65 -2.58 5.91
N LYS B 251 31.09 -3.28 4.87
CA LYS B 251 32.01 -2.73 3.87
C LYS B 251 31.26 -2.56 2.55
N ALA B 252 31.27 -1.34 2.02
CA ALA B 252 30.60 -1.05 0.76
C ALA B 252 31.54 -0.20 -0.09
N LEU B 253 32.04 -0.78 -1.17
CA LEU B 253 32.95 -0.08 -2.07
C LEU B 253 32.39 0.13 -3.47
N CYS B 254 32.64 1.32 -4.00
CA CYS B 254 32.21 1.68 -5.34
C CYS B 254 33.47 1.77 -6.20
N ASN B 255 33.52 0.98 -7.27
CA ASN B 255 34.67 0.97 -8.16
C ASN B 255 34.22 1.41 -9.53
N ILE B 256 34.79 2.49 -10.02
CA ILE B 256 34.39 3.01 -11.32
C ILE B 256 35.51 2.90 -12.36
N VAL B 257 35.10 2.55 -13.57
CA VAL B 257 36.01 2.44 -14.69
C VAL B 257 35.46 3.50 -15.65
N ASN B 258 36.14 4.63 -15.67
CA ASN B 258 35.75 5.77 -16.48
C ASN B 258 35.07 5.42 -17.78
N ASN B 259 33.84 5.91 -17.94
CA ASN B 259 33.03 5.68 -19.13
C ASN B 259 32.80 4.22 -19.48
N LYS B 260 33.12 3.30 -18.58
CA LYS B 260 32.92 1.89 -18.88
C LYS B 260 32.02 1.10 -17.94
N MSE B 261 32.12 1.36 -16.64
CA MSE B 261 31.29 0.63 -15.71
C MSE B 261 31.51 0.97 -14.24
O MSE B 261 32.58 1.45 -13.86
CB MSE B 261 31.54 -0.87 -15.88
CG MSE B 261 30.87 -1.75 -14.85
SE MSE B 261 31.12 -3.61 -15.25
CE MSE B 261 32.88 -3.83 -14.48
N VAL B 262 30.47 0.74 -13.44
CA VAL B 262 30.59 0.95 -12.01
C VAL B 262 30.42 -0.45 -11.44
N HIS B 263 31.21 -0.77 -10.43
CA HIS B 263 31.19 -2.07 -9.80
C HIS B 263 31.06 -1.89 -8.30
N PHE B 264 30.02 -2.46 -7.72
CA PHE B 264 29.81 -2.35 -6.29
C PHE B 264 30.25 -3.64 -5.63
N ASP B 265 31.01 -3.49 -4.55
CA ASP B 265 31.53 -4.63 -3.80
C ASP B 265 31.17 -4.48 -2.33
N LEU B 266 30.19 -5.27 -1.91
CA LEU B 266 29.69 -5.25 -0.53
C LEU B 266 30.05 -6.51 0.23
N LEU B 267 30.31 -6.34 1.52
CA LEU B 267 30.64 -7.46 2.38
C LEU B 267 29.92 -7.27 3.71
N HIS B 268 28.73 -7.85 3.80
CA HIS B 268 27.94 -7.75 5.01
C HIS B 268 27.73 -9.11 5.64
N GLU B 269 28.40 -9.33 6.76
CA GLU B 269 28.33 -10.58 7.50
C GLU B 269 28.84 -11.74 6.66
N ASP B 270 30.13 -11.72 6.36
CA ASP B 270 30.76 -12.79 5.58
C ASP B 270 30.07 -13.18 4.27
N VAL B 271 29.11 -12.37 3.83
CA VAL B 271 28.39 -12.63 2.59
C VAL B 271 28.68 -11.49 1.62
N SER B 272 29.47 -11.79 0.59
CA SER B 272 29.83 -10.79 -0.39
C SER B 272 28.79 -10.70 -1.48
N LEU B 273 28.62 -9.49 -2.01
CA LEU B 273 27.69 -9.25 -3.10
C LEU B 273 28.39 -8.34 -4.09
N GLN B 274 28.53 -8.81 -5.33
CA GLN B 274 29.18 -8.05 -6.37
C GLN B 274 28.15 -7.66 -7.40
N TYR B 275 27.85 -6.37 -7.52
CA TYR B 275 26.89 -5.90 -8.49
C TYR B 275 27.67 -5.15 -9.56
N PHE B 276 27.31 -5.36 -10.82
CA PHE B 276 28.02 -4.72 -11.92
C PHE B 276 27.06 -3.99 -12.84
N ILE B 277 27.27 -2.68 -12.99
CA ILE B 277 26.42 -1.89 -13.87
C ILE B 277 27.29 -1.26 -14.94
N PRO B 278 27.08 -1.66 -16.20
CA PRO B 278 27.82 -1.17 -17.38
C PRO B 278 27.35 0.20 -17.82
N ALA B 279 28.22 0.91 -18.54
CA ALA B 279 27.88 2.24 -19.02
C ALA B 279 26.71 2.12 -19.99
N LEU B 280 26.12 3.26 -20.32
CA LEU B 280 24.98 3.30 -21.20
C LEU B 280 25.29 3.15 -22.69
N SER B 281 24.26 2.75 -23.44
CA SER B 281 24.31 2.55 -24.89
C SER B 281 25.48 1.69 -25.32
N ASP C 1 25.52 40.59 -6.52
CA ASP C 1 24.42 39.58 -6.51
C ASP C 1 23.07 40.17 -6.88
N GLN C 2 22.81 40.25 -8.18
CA GLN C 2 21.54 40.79 -8.66
C GLN C 2 20.53 39.65 -8.68
N TYR C 3 20.04 39.28 -7.50
CA TYR C 3 19.03 38.22 -7.41
C TYR C 3 17.69 38.85 -7.10
N SER C 4 16.74 38.66 -7.99
CA SER C 4 15.41 39.19 -7.80
C SER C 4 14.85 38.60 -6.52
N LEU C 5 15.12 37.30 -6.30
CA LEU C 5 14.64 36.61 -5.11
C LEU C 5 15.67 35.72 -4.42
N VAL C 6 15.70 35.81 -3.09
CA VAL C 6 16.60 35.00 -2.29
C VAL C 6 15.83 34.57 -1.05
N ALA C 7 15.83 33.29 -0.73
CA ALA C 7 15.11 32.81 0.45
C ALA C 7 15.87 31.65 1.08
N SER C 8 15.71 31.48 2.38
CA SER C 8 16.40 30.41 3.09
C SER C 8 15.54 29.80 4.20
N LEU C 9 15.76 28.53 4.45
CA LEU C 9 15.01 27.83 5.48
C LEU C 9 15.85 26.76 6.15
N ASP C 10 15.80 26.73 7.46
CA ASP C 10 16.55 25.74 8.20
C ASP C 10 15.76 24.44 8.07
N ASN C 11 14.53 24.55 7.55
CA ASN C 11 13.66 23.39 7.40
C ASN C 11 12.84 23.47 6.11
N VAL C 12 13.25 22.75 5.05
CA VAL C 12 12.50 22.80 3.79
C VAL C 12 11.02 22.52 3.97
N ARG C 13 10.69 21.64 4.92
CA ARG C 13 9.31 21.28 5.18
C ARG C 13 8.39 22.47 5.47
N ASN C 14 8.97 23.61 5.83
CA ASN C 14 8.16 24.80 6.10
C ASN C 14 7.75 25.41 4.78
N LEU C 15 8.13 24.76 3.69
CA LEU C 15 7.76 25.19 2.34
C LEU C 15 7.16 23.98 1.61
N SER C 16 7.89 22.87 1.55
CA SER C 16 7.38 21.69 0.84
C SER C 16 6.00 21.21 1.31
N THR C 17 5.73 21.26 2.62
CA THR C 17 4.44 20.81 3.14
C THR C 17 3.28 21.63 2.59
N ILE C 18 3.39 22.95 2.68
CA ILE C 18 2.34 23.81 2.16
C ILE C 18 2.16 23.55 0.65
N LEU C 19 3.26 23.55 -0.10
CA LEU C 19 3.18 23.33 -1.54
C LEU C 19 2.50 22.00 -1.91
N LYS C 20 2.61 21.00 -1.04
CA LYS C 20 1.97 19.72 -1.34
C LYS C 20 0.45 19.82 -1.18
N ALA C 21 0.00 20.80 -0.41
CA ALA C 21 -1.42 21.00 -0.17
C ALA C 21 -2.17 21.44 -1.43
N ILE C 22 -1.44 21.91 -2.43
CA ILE C 22 -2.07 22.38 -3.64
C ILE C 22 -1.48 21.72 -4.86
N HIS C 23 -0.89 20.54 -4.69
CA HIS C 23 -0.25 19.84 -5.80
C HIS C 23 -1.16 18.95 -6.64
N PHE C 24 -2.03 19.55 -7.44
CA PHE C 24 -2.89 18.74 -8.28
C PHE C 24 -2.74 19.11 -9.74
N ARG C 25 -1.76 19.96 -10.02
CA ARG C 25 -1.46 20.36 -11.40
C ARG C 25 0.04 20.27 -11.50
N GLU C 26 0.54 19.98 -12.69
CA GLU C 26 1.98 19.86 -12.90
C GLU C 26 2.72 21.19 -12.87
N HIS C 27 2.03 22.28 -13.20
CA HIS C 27 2.62 23.61 -13.22
C HIS C 27 1.96 24.59 -12.26
N ALA C 28 2.72 25.58 -11.79
CA ALA C 28 2.19 26.59 -10.88
C ALA C 28 2.88 27.93 -11.11
N THR C 29 2.20 29.00 -10.75
CA THR C 29 2.76 30.34 -10.90
C THR C 29 3.22 30.84 -9.53
N CYS C 30 4.46 31.29 -9.47
CA CYS C 30 5.04 31.82 -8.24
C CYS C 30 5.03 33.34 -8.27
N PHE C 31 4.54 33.95 -7.20
CA PHE C 31 4.48 35.40 -7.09
C PHE C 31 5.18 35.79 -5.78
N ALA C 32 6.29 36.51 -5.89
CA ALA C 32 7.03 36.93 -4.70
C ALA C 32 7.00 38.45 -4.53
N THR C 33 6.93 38.86 -3.28
CA THR C 33 6.86 40.26 -2.90
C THR C 33 7.52 40.42 -1.53
N LYS C 34 7.69 41.66 -1.09
CA LYS C 34 8.29 41.94 0.22
C LYS C 34 7.62 41.11 1.32
N ASN C 35 6.35 40.82 1.12
CA ASN C 35 5.56 40.10 2.13
C ASN C 35 5.60 38.58 2.09
N GLY C 36 6.17 38.01 1.04
CA GLY C 36 6.23 36.57 0.97
C GLY C 36 5.98 36.00 -0.41
N ILE C 37 5.77 34.70 -0.45
CA ILE C 37 5.55 33.99 -1.70
C ILE C 37 4.16 33.40 -1.81
N LYS C 38 3.62 33.46 -3.03
CA LYS C 38 2.30 32.93 -3.31
C LYS C 38 2.47 32.01 -4.50
N VAL C 39 2.05 30.76 -4.33
CA VAL C 39 2.13 29.76 -5.39
C VAL C 39 0.68 29.48 -5.79
N THR C 40 0.42 29.49 -7.08
CA THR C 40 -0.92 29.28 -7.60
C THR C 40 -1.01 28.22 -8.71
N VAL C 41 -2.00 27.33 -8.58
CA VAL C 41 -2.22 26.29 -9.58
C VAL C 41 -3.69 26.41 -10.00
N GLU C 42 -3.95 26.31 -11.30
CA GLU C 42 -5.33 26.41 -11.78
C GLU C 42 -5.76 25.22 -12.61
N ASN C 43 -7.06 24.96 -12.59
CA ASN C 43 -7.63 23.88 -13.37
C ASN C 43 -8.61 24.48 -14.37
N ALA C 44 -8.06 25.01 -15.45
CA ALA C 44 -8.83 25.60 -16.55
C ALA C 44 -10.09 26.43 -16.26
N LYS C 45 -9.92 27.55 -15.59
CA LYS C 45 -11.05 28.44 -15.30
C LYS C 45 -12.10 27.94 -14.31
N CYS C 46 -11.94 26.73 -13.78
CA CYS C 46 -12.92 26.20 -12.84
C CYS C 46 -12.44 26.18 -11.39
N VAL C 47 -11.15 25.91 -11.20
CA VAL C 47 -10.59 25.84 -9.87
C VAL C 47 -9.23 26.52 -9.76
N GLN C 48 -9.00 27.15 -8.62
CA GLN C 48 -7.75 27.84 -8.35
C GLN C 48 -7.34 27.56 -6.92
N ALA C 49 -6.08 27.18 -6.74
CA ALA C 49 -5.58 26.90 -5.41
C ALA C 49 -4.36 27.79 -5.19
N ASN C 50 -4.33 28.45 -4.04
CA ASN C 50 -3.23 29.34 -3.71
C ASN C 50 -2.68 28.99 -2.35
N ALA C 51 -1.36 29.04 -2.25
CA ALA C 51 -0.70 28.78 -0.99
C ALA C 51 0.14 30.03 -0.77
N PHE C 52 0.08 30.60 0.43
CA PHE C 52 0.88 31.79 0.72
C PHE C 52 1.79 31.54 1.92
N ILE C 53 3.08 31.80 1.74
CA ILE C 53 4.04 31.64 2.80
C ILE C 53 4.59 33.03 3.09
N GLN C 54 4.23 33.58 4.24
CA GLN C 54 4.69 34.92 4.62
C GLN C 54 6.21 34.95 4.76
N ALA C 55 6.79 36.10 4.46
CA ALA C 55 8.23 36.28 4.55
C ALA C 55 8.74 35.91 5.95
N GLY C 56 7.89 36.11 6.95
CA GLY C 56 8.27 35.81 8.31
C GLY C 56 8.59 34.35 8.59
N ILE C 57 8.21 33.47 7.67
CA ILE C 57 8.46 32.04 7.83
C ILE C 57 9.93 31.73 7.55
N PHE C 58 10.51 32.46 6.60
CA PHE C 58 11.91 32.27 6.20
C PHE C 58 12.95 32.85 7.16
N GLN C 59 14.19 32.39 7.02
CA GLN C 59 15.27 32.90 7.83
C GLN C 59 15.92 34.04 7.04
N GLU C 60 15.86 33.92 5.71
CA GLU C 60 16.39 34.95 4.82
C GLU C 60 15.35 35.07 3.70
N PHE C 61 14.90 36.29 3.42
CA PHE C 61 13.91 36.49 2.37
C PHE C 61 14.01 37.91 1.83
N LYS C 62 14.45 38.04 0.58
CA LYS C 62 14.56 39.37 -0.03
C LYS C 62 14.16 39.38 -1.50
N VAL C 63 13.43 40.41 -1.88
CA VAL C 63 12.98 40.60 -3.26
C VAL C 63 13.50 41.97 -3.69
N GLN C 64 14.23 42.01 -4.81
CA GLN C 64 14.81 43.28 -5.28
C GLN C 64 13.95 44.12 -6.21
N GLU C 65 12.66 43.79 -6.33
CA GLU C 65 11.77 44.57 -7.19
C GLU C 65 10.47 44.76 -6.43
N GLU C 66 9.46 45.31 -7.09
CA GLU C 66 8.18 45.50 -6.43
C GLU C 66 7.55 44.11 -6.31
N SER C 67 7.66 43.33 -7.38
CA SER C 67 7.12 41.97 -7.42
C SER C 67 7.87 41.17 -8.48
N VAL C 68 8.00 39.87 -8.25
CA VAL C 68 8.69 39.00 -9.20
C VAL C 68 7.79 37.78 -9.46
N THR C 69 7.62 37.44 -10.73
CA THR C 69 6.77 36.32 -11.08
C THR C 69 7.36 35.37 -12.10
N PHE C 70 7.05 34.09 -11.94
CA PHE C 70 7.52 33.09 -12.88
C PHE C 70 6.74 31.80 -12.74
N ARG C 71 6.76 31.01 -13.80
CA ARG C 71 6.08 29.74 -13.80
C ARG C 71 7.12 28.63 -13.70
N ILE C 72 6.80 27.58 -12.97
CA ILE C 72 7.69 26.43 -12.82
C ILE C 72 6.88 25.15 -12.79
N ASN C 73 7.60 24.04 -12.91
CA ASN C 73 7.01 22.73 -12.85
C ASN C 73 6.96 22.40 -11.35
N LEU C 74 5.76 22.41 -10.78
CA LEU C 74 5.59 22.15 -9.35
C LEU C 74 6.04 20.74 -8.97
N THR C 75 5.77 19.77 -9.85
CA THR C 75 6.16 18.39 -9.59
C THR C 75 7.68 18.24 -9.41
N VAL C 76 8.44 18.84 -10.31
CA VAL C 76 9.89 18.81 -10.22
C VAL C 76 10.31 19.55 -8.97
N LEU C 77 9.71 20.73 -8.76
CA LEU C 77 10.02 21.52 -7.58
C LEU C 77 9.85 20.71 -6.28
N LEU C 78 8.71 20.04 -6.13
CA LEU C 78 8.47 19.22 -4.95
C LEU C 78 9.41 18.01 -4.93
N ASP C 79 9.75 17.47 -6.09
CA ASP C 79 10.66 16.31 -6.12
C ASP C 79 12.02 16.71 -5.56
N CYS C 80 12.49 17.90 -5.91
CA CYS C 80 13.77 18.41 -5.45
C CYS C 80 13.74 18.78 -3.96
N LEU C 81 12.64 19.39 -3.52
CA LEU C 81 12.53 19.78 -2.12
C LEU C 81 12.54 18.58 -1.19
N SER C 82 12.21 17.40 -1.70
CA SER C 82 12.23 16.21 -0.85
C SER C 82 13.25 15.21 -1.37
N ILE C 83 14.30 15.75 -1.98
CA ILE C 83 15.38 14.95 -2.55
C ILE C 83 16.04 14.04 -1.52
N PHE C 84 15.97 14.41 -0.24
CA PHE C 84 16.60 13.63 0.82
C PHE C 84 15.70 12.65 1.57
N GLY C 85 14.50 12.43 1.08
CA GLY C 85 13.61 11.51 1.76
C GLY C 85 12.38 12.21 2.28
N SER C 86 11.33 11.45 2.53
CA SER C 86 10.10 12.02 3.01
C SER C 86 9.75 11.53 4.42
N SER C 87 10.72 10.86 5.06
CA SER C 87 10.52 10.36 6.42
C SER C 87 11.70 10.78 7.30
N PRO C 88 11.99 12.09 7.35
CA PRO C 88 13.11 12.56 8.17
C PRO C 88 12.89 12.28 9.65
N MSE C 89 13.99 12.22 10.41
CA MSE C 89 13.92 11.96 11.83
C MSE C 89 14.10 13.20 12.69
O MSE C 89 14.70 14.19 12.26
CB MSE C 89 14.99 10.91 12.20
CG MSE C 89 14.61 9.51 11.79
SE MSE C 89 13.02 8.91 12.72
CE MSE C 89 13.83 8.72 14.47
N PRO C 90 13.58 13.17 13.93
CA PRO C 90 13.70 14.32 14.83
C PRO C 90 15.16 14.75 14.95
N GLY C 91 15.40 16.04 14.75
CA GLY C 91 16.76 16.56 14.85
C GLY C 91 17.50 16.48 13.54
N THR C 92 16.86 15.93 12.52
CA THR C 92 17.50 15.80 11.21
C THR C 92 16.82 16.69 10.20
N LEU C 93 17.33 17.92 10.05
CA LEU C 93 16.75 18.88 9.13
C LEU C 93 17.50 19.02 7.81
N THR C 94 16.75 19.40 6.77
CA THR C 94 17.31 19.65 5.45
C THR C 94 17.10 21.15 5.25
N ALA C 95 18.20 21.90 5.10
CA ALA C 95 18.08 23.34 4.91
C ALA C 95 17.95 23.71 3.44
N LEU C 96 17.36 24.87 3.17
CA LEU C 96 17.17 25.33 1.81
C LEU C 96 17.57 26.77 1.55
N ARG C 97 18.15 27.00 0.37
CA ARG C 97 18.50 28.34 -0.04
C ARG C 97 17.98 28.46 -1.48
N MSE C 98 16.99 29.31 -1.69
CA MSE C 98 16.42 29.52 -3.03
C MSE C 98 17.00 30.78 -3.63
O MSE C 98 17.16 31.79 -2.93
CB MSE C 98 14.91 29.68 -2.96
CG MSE C 98 14.11 28.40 -2.92
SE MSE C 98 12.26 28.74 -3.43
CE MSE C 98 11.65 29.57 -1.78
N CYS C 99 17.28 30.76 -4.93
CA CYS C 99 17.80 31.94 -5.62
C CYS C 99 17.24 31.99 -7.03
N TYR C 100 16.72 33.15 -7.40
CA TYR C 100 16.17 33.38 -8.72
C TYR C 100 16.72 34.71 -9.23
N GLN C 101 17.76 34.63 -10.03
CA GLN C 101 18.40 35.82 -10.55
C GLN C 101 17.44 36.80 -11.24
N GLY C 102 16.64 36.33 -12.18
CA GLY C 102 15.72 37.23 -12.86
C GLY C 102 15.12 36.63 -14.10
N TYR C 103 14.25 37.39 -14.77
CA TYR C 103 13.57 36.91 -15.98
C TYR C 103 14.51 36.17 -16.92
N GLY C 104 14.13 34.94 -17.27
CA GLY C 104 14.93 34.14 -18.17
C GLY C 104 15.93 33.21 -17.49
N TYR C 105 15.99 33.27 -16.16
CA TYR C 105 16.91 32.44 -15.41
C TYR C 105 16.20 31.31 -14.67
N PRO C 106 16.90 30.20 -14.40
CA PRO C 106 16.30 29.06 -13.70
C PRO C 106 16.18 29.30 -12.21
N LEU C 107 15.28 28.57 -11.56
CA LEU C 107 15.13 28.71 -10.11
C LEU C 107 16.23 27.80 -9.59
N MSE C 108 17.03 28.31 -8.65
CA MSE C 108 18.13 27.51 -8.11
C MSE C 108 17.81 27.06 -6.70
O MSE C 108 17.41 27.86 -5.86
CB MSE C 108 19.42 28.33 -8.08
CG MSE C 108 19.91 28.81 -9.45
SE MSE C 108 20.40 27.36 -10.64
CE MSE C 108 21.72 26.46 -9.55
N LEU C 109 17.97 25.78 -6.44
CA LEU C 109 17.73 25.26 -5.11
C LEU C 109 19.02 24.69 -4.54
N PHE C 110 19.27 24.97 -3.28
CA PHE C 110 20.45 24.45 -2.61
C PHE C 110 19.91 23.85 -1.33
N LEU C 111 20.05 22.54 -1.22
CA LEU C 111 19.58 21.85 -0.03
C LEU C 111 20.70 21.03 0.57
N GLU C 112 20.76 20.94 1.89
CA GLU C 112 21.79 20.14 2.52
C GLU C 112 21.25 19.40 3.72
N GLU C 113 21.66 18.14 3.84
CA GLU C 113 21.26 17.30 4.95
C GLU C 113 22.47 16.52 5.40
N GLY C 114 22.80 16.64 6.67
CA GLY C 114 23.96 15.94 7.20
C GLY C 114 25.24 16.25 6.44
N GLY C 115 25.28 17.37 5.74
CA GLY C 115 26.50 17.71 5.01
C GLY C 115 26.46 17.36 3.54
N VAL C 116 25.47 16.57 3.13
CA VAL C 116 25.35 16.22 1.72
C VAL C 116 24.60 17.39 1.11
N VAL C 117 25.06 17.86 -0.05
CA VAL C 117 24.46 19.02 -0.70
C VAL C 117 23.88 18.74 -2.07
N THR C 118 22.63 19.13 -2.30
CA THR C 118 22.02 18.94 -3.60
C THR C 118 21.79 20.29 -4.26
N VAL C 119 22.18 20.40 -5.53
CA VAL C 119 22.01 21.62 -6.31
C VAL C 119 20.99 21.34 -7.40
N CYS C 120 19.97 22.18 -7.51
CA CYS C 120 18.91 22.00 -8.50
C CYS C 120 18.77 23.23 -9.38
N LYS C 121 18.68 23.00 -10.69
CA LYS C 121 18.52 24.08 -11.64
C LYS C 121 17.20 23.82 -12.33
N ILE C 122 16.18 24.54 -11.91
CA ILE C 122 14.85 24.36 -12.46
C ILE C 122 14.51 25.53 -13.36
N ASN C 123 14.42 25.27 -14.66
CA ASN C 123 14.11 26.32 -15.62
C ASN C 123 12.74 26.94 -15.33
N THR C 124 12.63 28.24 -15.58
CA THR C 124 11.41 28.99 -15.34
C THR C 124 10.74 29.32 -16.64
N GLN C 125 9.43 29.55 -16.57
CA GLN C 125 8.68 29.88 -17.76
C GLN C 125 7.98 31.22 -17.63
N GLU C 126 7.47 31.69 -18.76
CA GLU C 126 6.73 32.95 -18.83
C GLU C 126 5.36 32.70 -18.19
N PRO C 127 4.99 33.51 -17.19
CA PRO C 127 3.69 33.34 -16.53
C PRO C 127 2.57 33.37 -17.55
N GLU C 128 1.37 33.02 -17.13
CA GLU C 128 0.23 33.05 -18.01
C GLU C 128 -0.91 33.73 -17.29
N GLU C 129 -2.03 33.89 -17.98
CA GLU C 129 -3.20 34.54 -17.40
C GLU C 129 -3.66 33.80 -16.15
N THR C 130 -3.51 34.44 -15.00
CA THR C 130 -3.92 33.83 -13.74
C THR C 130 -5.33 34.31 -13.38
N LEU C 131 -6.27 33.37 -13.29
CA LEU C 131 -7.66 33.67 -12.97
C LEU C 131 -7.80 34.59 -11.76
N ASP C 132 -8.92 35.30 -11.70
CA ASP C 132 -9.17 36.20 -10.58
C ASP C 132 -10.56 35.98 -9.98
N PHE C 133 -10.58 35.44 -8.78
CA PHE C 133 -11.82 35.18 -8.05
C PHE C 133 -11.79 36.17 -6.88
N ASP C 134 -12.45 37.31 -7.04
CA ASP C 134 -12.45 38.32 -5.98
C ASP C 134 -13.55 38.06 -4.95
N PHE C 135 -13.25 37.14 -4.04
CA PHE C 135 -14.20 36.75 -3.00
C PHE C 135 -14.22 37.82 -1.91
N CYS C 136 -14.95 38.89 -2.16
CA CYS C 136 -15.05 39.98 -1.19
C CYS C 136 -15.96 39.60 -0.04
N SER C 137 -15.53 39.90 1.17
CA SER C 137 -16.31 39.60 2.36
C SER C 137 -17.66 40.30 2.28
N THR C 138 -17.84 41.12 1.25
CA THR C 138 -19.08 41.86 1.04
C THR C 138 -19.97 41.14 0.04
N ASN C 139 -19.46 40.04 -0.53
CA ASN C 139 -20.21 39.23 -1.49
C ASN C 139 -20.59 37.90 -0.85
N VAL C 140 -19.98 37.63 0.30
CA VAL C 140 -20.22 36.39 1.03
C VAL C 140 -21.60 36.30 1.66
N ILE C 141 -22.41 35.39 1.14
CA ILE C 141 -23.77 35.17 1.64
C ILE C 141 -23.72 34.39 2.96
N ASN C 142 -22.97 33.30 2.97
CA ASN C 142 -22.84 32.45 4.15
C ASN C 142 -21.37 32.12 4.43
N LYS C 143 -21.01 31.99 5.70
CA LYS C 143 -19.65 31.68 6.09
C LYS C 143 -19.64 30.72 7.28
N ILE C 144 -18.74 29.74 7.25
CA ILE C 144 -18.63 28.75 8.31
C ILE C 144 -17.19 28.31 8.52
N ILE C 145 -16.85 27.98 9.77
CA ILE C 145 -15.50 27.52 10.09
C ILE C 145 -15.56 26.22 10.89
N LEU C 146 -14.89 25.20 10.38
CA LEU C 146 -14.88 23.90 11.04
C LEU C 146 -13.51 23.55 11.59
N GLN C 147 -13.52 22.57 12.48
CA GLN C 147 -12.32 22.04 13.09
C GLN C 147 -11.90 20.93 12.13
N SER C 148 -10.89 21.19 11.30
CA SER C 148 -10.42 20.24 10.31
C SER C 148 -10.24 18.80 10.79
N GLU C 149 -9.53 18.63 11.90
CA GLU C 149 -9.26 17.29 12.45
C GLU C 149 -10.40 16.28 12.30
N GLY C 150 -11.60 16.63 12.77
CA GLY C 150 -12.71 15.69 12.70
C GLY C 150 -13.54 15.64 11.43
N LEU C 151 -12.99 16.09 10.31
CA LEU C 151 -13.72 16.08 9.05
C LEU C 151 -13.03 15.20 8.01
N ARG C 152 -11.76 14.92 8.26
CA ARG C 152 -10.96 14.11 7.35
C ARG C 152 -11.55 12.75 7.00
N GLU C 153 -11.85 11.93 8.01
CA GLU C 153 -12.43 10.61 7.75
C GLU C 153 -13.70 10.78 6.93
N ALA C 154 -14.63 11.57 7.45
CA ALA C 154 -15.90 11.81 6.78
C ALA C 154 -15.75 12.32 5.34
N PHE C 155 -14.91 13.33 5.14
CA PHE C 155 -14.72 13.89 3.80
C PHE C 155 -14.14 12.91 2.78
N SER C 156 -13.34 11.94 3.24
CA SER C 156 -12.76 10.98 2.32
C SER C 156 -13.77 9.90 1.95
N GLU C 157 -14.92 9.87 2.62
CA GLU C 157 -15.96 8.89 2.32
C GLU C 157 -17.10 9.44 1.49
N LEU C 158 -16.82 10.53 0.77
CA LEU C 158 -17.80 11.17 -0.10
C LEU C 158 -17.90 10.35 -1.38
N ASP C 159 -19.10 9.88 -1.67
CA ASP C 159 -19.34 9.05 -2.84
C ASP C 159 -18.84 9.69 -4.14
N MSE C 160 -17.64 9.31 -4.56
CA MSE C 160 -17.06 9.84 -5.78
C MSE C 160 -17.85 9.39 -7.00
O MSE C 160 -17.64 9.88 -8.11
CB MSE C 160 -15.60 9.41 -5.91
CG MSE C 160 -14.68 10.14 -4.93
SE MSE C 160 -14.77 12.08 -5.12
CE MSE C 160 -13.72 12.27 -6.73
N THR C 161 -18.76 8.44 -6.80
CA THR C 161 -19.60 7.95 -7.89
C THR C 161 -20.41 9.11 -8.43
N SER C 162 -21.07 9.83 -7.52
CA SER C 162 -21.88 10.97 -7.93
C SER C 162 -20.94 11.90 -8.67
N GLU C 163 -21.45 12.61 -9.67
CA GLU C 163 -20.58 13.50 -10.40
C GLU C 163 -20.62 14.89 -9.76
N VAL C 164 -21.59 15.10 -8.88
CA VAL C 164 -21.70 16.38 -8.20
C VAL C 164 -21.78 16.26 -6.70
N LEU C 165 -21.43 17.36 -6.04
CA LEU C 165 -21.49 17.48 -4.60
C LEU C 165 -22.34 18.72 -4.40
N GLN C 166 -23.38 18.59 -3.59
CA GLN C 166 -24.27 19.71 -3.33
C GLN C 166 -24.11 20.17 -1.89
N ILE C 167 -23.87 21.45 -1.74
CA ILE C 167 -23.68 22.03 -0.42
C ILE C 167 -24.90 22.86 -0.06
N THR C 168 -25.32 22.72 1.19
CA THR C 168 -26.46 23.47 1.71
C THR C 168 -25.98 24.14 2.98
N MSE C 169 -26.24 25.43 3.08
CA MSE C 169 -25.88 26.22 4.25
C MSE C 169 -27.14 27.02 4.51
O MSE C 169 -27.73 27.58 3.59
CB MSE C 169 -24.68 27.12 3.95
CG MSE C 169 -23.42 26.35 3.63
SE MSE C 169 -21.87 27.42 3.18
CE MSE C 169 -21.01 27.44 4.90
N SER C 170 -27.56 27.06 5.77
CA SER C 170 -28.78 27.77 6.13
C SER C 170 -28.92 27.99 7.62
N PRO C 171 -29.64 29.05 8.01
CA PRO C 171 -29.84 29.35 9.43
C PRO C 171 -30.85 28.33 9.99
N ASP C 172 -31.49 27.59 9.08
CA ASP C 172 -32.46 26.57 9.43
C ASP C 172 -31.78 25.21 9.30
N LYS C 173 -32.43 24.16 9.77
CA LYS C 173 -31.87 22.81 9.67
C LYS C 173 -32.14 22.28 8.27
N PRO C 174 -31.19 21.52 7.70
CA PRO C 174 -29.91 21.19 8.33
C PRO C 174 -29.07 22.45 8.22
N TYR C 175 -28.11 22.63 9.12
CA TYR C 175 -27.34 23.86 9.05
C TYR C 175 -26.29 23.87 7.94
N PHE C 176 -25.59 22.75 7.79
CA PHE C 176 -24.55 22.61 6.77
C PHE C 176 -24.66 21.17 6.26
N ARG C 177 -24.97 21.02 4.97
CA ARG C 177 -25.13 19.70 4.39
C ARG C 177 -24.43 19.42 3.06
N LEU C 178 -23.68 18.33 3.02
CA LEU C 178 -22.97 17.93 1.81
C LEU C 178 -23.74 16.72 1.29
N SER C 179 -24.16 16.76 0.04
CA SER C 179 -24.92 15.66 -0.51
C SER C 179 -24.38 15.17 -1.83
N THR C 180 -24.44 13.87 -2.05
CA THR C 180 -23.99 13.29 -3.30
C THR C 180 -25.21 12.59 -3.88
N PHE C 181 -25.08 12.14 -5.13
CA PHE C 181 -26.18 11.47 -5.81
C PHE C 181 -25.59 10.47 -6.79
N GLY C 182 -24.99 9.40 -6.24
CA GLY C 182 -24.36 8.38 -7.06
C GLY C 182 -25.21 7.17 -7.40
N ASN C 183 -24.55 6.15 -7.95
CA ASN C 183 -25.20 4.90 -8.35
C ASN C 183 -26.25 4.41 -7.34
N ALA C 184 -27.52 4.50 -7.74
CA ALA C 184 -28.64 4.09 -6.90
C ALA C 184 -28.37 4.47 -5.45
N GLY C 185 -27.97 5.73 -5.24
CA GLY C 185 -27.68 6.18 -3.89
C GLY C 185 -27.66 7.68 -3.65
N SER C 186 -28.56 8.11 -2.77
CA SER C 186 -28.65 9.51 -2.37
C SER C 186 -28.07 9.52 -0.96
N SER C 187 -27.10 10.41 -0.71
CA SER C 187 -26.48 10.45 0.60
C SER C 187 -26.32 11.89 1.13
N HIS C 188 -26.36 12.05 2.44
CA HIS C 188 -26.22 13.37 3.05
C HIS C 188 -25.31 13.38 4.27
N LEU C 189 -24.54 14.46 4.41
CA LEU C 189 -23.63 14.62 5.55
C LEU C 189 -24.08 15.90 6.25
N ASP C 190 -24.54 15.77 7.48
CA ASP C 190 -25.04 16.92 8.24
C ASP C 190 -24.22 17.34 9.44
N TYR C 191 -23.96 18.65 9.53
CA TYR C 191 -23.23 19.23 10.65
C TYR C 191 -24.13 20.25 11.34
N PRO C 192 -24.52 20.00 12.59
CA PRO C 192 -25.40 20.93 13.33
C PRO C 192 -24.65 22.20 13.70
N LYS C 193 -25.32 23.34 13.67
CA LYS C 193 -24.66 24.60 14.00
C LYS C 193 -24.09 24.65 15.41
N ASP C 194 -24.59 23.79 16.30
CA ASP C 194 -24.12 23.77 17.68
C ASP C 194 -23.07 22.69 17.92
N SER C 195 -22.48 22.20 16.83
CA SER C 195 -21.47 21.15 16.95
C SER C 195 -20.18 21.63 17.59
N ASP C 196 -19.48 20.72 18.25
CA ASP C 196 -18.20 21.02 18.89
C ASP C 196 -17.21 21.41 17.79
N LEU C 197 -17.42 20.85 16.60
CA LEU C 197 -16.56 21.10 15.46
C LEU C 197 -16.81 22.48 14.87
N MSE C 198 -18.02 22.97 15.03
CA MSE C 198 -18.44 24.27 14.52
C MSE C 198 -17.92 25.42 15.38
O MSE C 198 -18.55 25.82 16.36
CB MSE C 198 -19.98 24.31 14.48
CG MSE C 198 -20.55 25.40 13.60
SE MSE C 198 -20.20 25.00 11.76
CE MSE C 198 -21.83 24.06 11.33
N GLU C 199 -16.75 25.96 15.00
CA GLU C 199 -16.16 27.06 15.77
C GLU C 199 -16.75 28.41 15.39
N ALA C 200 -17.28 28.50 14.17
CA ALA C 200 -17.88 29.74 13.71
C ALA C 200 -18.99 29.39 12.73
N PHE C 201 -20.15 30.00 12.92
CA PHE C 201 -21.31 29.76 12.06
C PHE C 201 -21.99 31.08 11.74
N HIS C 202 -21.94 31.49 10.48
CA HIS C 202 -22.55 32.74 10.09
C HIS C 202 -23.30 32.65 8.78
N CYS C 203 -24.41 31.92 8.80
CA CYS C 203 -25.25 31.76 7.64
C CYS C 203 -26.50 32.58 7.90
N ASN C 204 -26.73 33.58 7.05
CA ASN C 204 -27.90 34.46 7.20
C ASN C 204 -28.83 34.31 6.01
N GLN C 205 -28.90 33.10 5.47
CA GLN C 205 -29.75 32.81 4.33
C GLN C 205 -29.54 31.37 3.94
N THR C 206 -30.52 30.79 3.27
CA THR C 206 -30.41 29.40 2.83
C THR C 206 -29.91 29.35 1.40
N GLN C 207 -28.71 28.79 1.24
CA GLN C 207 -28.07 28.64 -0.06
C GLN C 207 -27.89 27.17 -0.38
N VAL C 208 -28.10 26.79 -1.64
CA VAL C 208 -27.93 25.42 -2.08
C VAL C 208 -27.19 25.44 -3.41
N ASN C 209 -25.90 25.10 -3.37
CA ASN C 209 -25.08 25.10 -4.59
C ASN C 209 -24.51 23.74 -4.93
N ARG C 210 -24.33 23.49 -6.22
CA ARG C 210 -23.79 22.23 -6.69
C ARG C 210 -22.43 22.45 -7.33
N TYR C 211 -21.55 21.46 -7.21
CA TYR C 211 -20.21 21.54 -7.77
C TYR C 211 -19.79 20.17 -8.28
N LYS C 212 -19.00 20.14 -9.35
CA LYS C 212 -18.53 18.85 -9.84
C LYS C 212 -17.51 18.36 -8.81
N ILE C 213 -17.87 17.26 -8.16
CA ILE C 213 -17.06 16.66 -7.11
C ILE C 213 -15.58 16.40 -7.43
N SER C 214 -15.26 15.95 -8.64
CA SER C 214 -13.85 15.70 -8.96
C SER C 214 -13.03 16.98 -8.97
N LEU C 215 -13.69 18.13 -9.15
CA LEU C 215 -12.99 19.41 -9.14
C LEU C 215 -12.64 19.76 -7.69
N LEU C 216 -13.45 19.28 -6.76
CA LEU C 216 -13.23 19.55 -5.33
C LEU C 216 -12.37 18.52 -4.59
N LYS C 217 -12.20 17.36 -5.21
CA LYS C 217 -11.42 16.27 -4.63
C LYS C 217 -10.01 16.63 -4.16
N PRO C 218 -9.24 17.35 -4.99
CA PRO C 218 -7.87 17.73 -4.57
C PRO C 218 -7.81 18.61 -3.33
N SER C 219 -8.94 19.21 -2.96
CA SER C 219 -8.96 20.08 -1.78
C SER C 219 -8.73 19.26 -0.51
N THR C 220 -8.71 17.95 -0.64
CA THR C 220 -8.49 17.05 0.49
C THR C 220 -7.05 17.14 1.03
N LYS C 221 -6.09 17.29 0.13
CA LYS C 221 -4.69 17.38 0.51
C LYS C 221 -4.52 18.47 1.56
N ALA C 222 -5.02 19.67 1.24
CA ALA C 222 -4.92 20.79 2.17
C ALA C 222 -5.69 20.53 3.47
N LEU C 223 -6.84 19.89 3.37
CA LEU C 223 -7.64 19.59 4.56
C LEU C 223 -6.85 18.78 5.59
N VAL C 224 -6.17 17.74 5.11
CA VAL C 224 -5.40 16.87 5.97
C VAL C 224 -4.33 17.58 6.81
N LEU C 225 -3.68 18.58 6.21
CA LEU C 225 -2.63 19.32 6.90
C LEU C 225 -3.13 20.48 7.75
N SER C 226 -4.33 20.96 7.44
CA SER C 226 -4.89 22.09 8.16
C SER C 226 -5.41 21.68 9.53
N CYS C 227 -5.78 22.67 10.34
CA CYS C 227 -6.34 22.43 11.66
C CYS C 227 -7.66 23.20 11.73
N LYS C 228 -7.88 24.03 10.72
CA LYS C 228 -9.12 24.80 10.62
C LYS C 228 -9.43 25.06 9.16
N VAL C 229 -10.71 25.24 8.87
CA VAL C 229 -11.13 25.51 7.50
C VAL C 229 -12.39 26.36 7.53
N SER C 230 -12.43 27.43 6.77
CA SER C 230 -13.62 28.26 6.72
C SER C 230 -14.20 28.05 5.33
N ILE C 231 -15.53 27.96 5.26
CA ILE C 231 -16.20 27.72 4.00
C ILE C 231 -17.13 28.88 3.65
N ARG C 232 -16.95 29.45 2.46
CA ARG C 232 -17.75 30.57 2.02
C ARG C 232 -18.20 30.48 0.56
N THR C 233 -19.43 30.92 0.30
CA THR C 233 -19.99 30.94 -1.03
C THR C 233 -20.47 32.37 -1.23
N ASP C 234 -20.42 32.86 -2.47
CA ASP C 234 -20.89 34.21 -2.72
C ASP C 234 -22.16 34.19 -3.56
N ASN C 235 -22.62 35.39 -3.92
CA ASN C 235 -23.84 35.54 -4.71
C ASN C 235 -23.78 34.86 -6.08
N ARG C 236 -22.57 34.68 -6.61
CA ARG C 236 -22.39 34.03 -7.91
C ARG C 236 -22.50 32.51 -7.75
N GLY C 237 -22.30 32.03 -6.53
CA GLY C 237 -22.36 30.59 -6.31
C GLY C 237 -20.98 29.96 -6.20
N PHE C 238 -19.94 30.78 -6.32
CA PHE C 238 -18.59 30.30 -6.22
C PHE C 238 -18.29 29.86 -4.80
N LEU C 239 -17.42 28.85 -4.69
CA LEU C 239 -17.04 28.30 -3.40
C LEU C 239 -15.62 28.73 -3.01
N SER C 240 -15.46 29.06 -1.73
CA SER C 240 -14.16 29.47 -1.21
C SER C 240 -13.84 28.65 0.02
N LEU C 241 -12.69 27.98 0.00
CA LEU C 241 -12.26 27.16 1.11
C LEU C 241 -10.89 27.69 1.52
N GLN C 242 -10.77 28.07 2.79
CA GLN C 242 -9.53 28.61 3.35
C GLN C 242 -9.04 27.71 4.45
N TYR C 243 -7.85 27.16 4.26
CA TYR C 243 -7.28 26.26 5.23
C TYR C 243 -6.17 26.91 6.04
N MSE C 244 -6.24 26.71 7.36
CA MSE C 244 -5.25 27.24 8.27
C MSE C 244 -4.30 26.10 8.61
O MSE C 244 -4.70 25.12 9.22
CB MSE C 244 -5.92 27.75 9.54
CG MSE C 244 -4.91 28.31 10.56
SE MSE C 244 -5.73 28.94 12.20
CE MSE C 244 -4.92 27.71 13.45
N ILE C 245 -3.04 26.25 8.20
CA ILE C 245 -2.04 25.22 8.44
C ILE C 245 -0.90 25.74 9.35
N ARG C 246 -0.56 24.95 10.36
CA ARG C 246 0.48 25.30 11.30
C ARG C 246 1.74 24.50 11.00
N ASN C 247 2.84 25.17 10.66
CA ASN C 247 4.05 24.42 10.36
C ASN C 247 4.70 23.83 11.61
N GLU C 248 5.85 23.18 11.44
CA GLU C 248 6.52 22.54 12.57
C GLU C 248 7.01 23.52 13.63
N ASP C 249 7.17 24.78 13.25
CA ASP C 249 7.61 25.82 14.17
C ASP C 249 6.44 26.65 14.69
N GLY C 250 5.27 26.02 14.73
CA GLY C 250 4.06 26.68 15.20
C GLY C 250 3.53 27.85 14.39
N GLN C 251 4.25 28.29 13.36
CA GLN C 251 3.78 29.42 12.55
C GLN C 251 2.58 29.05 11.69
N ILE C 252 1.76 30.03 11.35
CA ILE C 252 0.56 29.76 10.57
C ILE C 252 0.62 30.19 9.11
N CYS C 253 0.12 29.34 8.23
CA CYS C 253 0.06 29.58 6.80
C CYS C 253 -1.31 29.16 6.28
N PHE C 254 -1.76 29.80 5.21
CA PHE C 254 -3.07 29.52 4.64
C PHE C 254 -3.04 29.01 3.22
N VAL C 255 -4.02 28.16 2.91
CA VAL C 255 -4.18 27.63 1.57
C VAL C 255 -5.62 28.01 1.24
N GLU C 256 -5.84 28.42 -0.01
CA GLU C 256 -7.17 28.82 -0.45
C GLU C 256 -7.62 28.12 -1.72
N TYR C 257 -8.84 27.58 -1.68
CA TYR C 257 -9.43 26.91 -2.83
C TYR C 257 -10.69 27.61 -3.28
N TYR C 258 -10.75 27.92 -4.58
CA TYR C 258 -11.92 28.57 -5.17
C TYR C 258 -12.43 27.63 -6.24
N CYS C 259 -13.76 27.50 -6.33
CA CYS C 259 -14.34 26.62 -7.32
C CYS C 259 -15.63 27.22 -7.86
N CYS C 260 -15.78 27.25 -9.18
CA CYS C 260 -16.99 27.78 -9.80
C CYS C 260 -18.09 26.75 -9.62
N PRO C 261 -19.35 27.19 -9.56
CA PRO C 261 -20.43 26.23 -9.39
C PRO C 261 -20.74 25.45 -10.67
N ASP C 262 -21.51 24.37 -10.53
CA ASP C 262 -21.88 23.51 -11.65
C ASP C 262 -23.30 23.84 -12.09
N GLU C 263 -23.48 24.03 -13.39
CA GLU C 263 -24.80 24.36 -13.93
C GLU C 263 -25.17 23.56 -15.20
C1 GLC D . -32.22 -22.45 6.77
C2 GLC D . -32.33 -21.71 5.39
C3 GLC D . -30.91 -21.32 4.92
C4 GLC D . -30.30 -20.40 5.99
C5 GLC D . -30.24 -21.17 7.34
C6 GLC D . -29.64 -20.27 8.42
O2 GLC D . -32.93 -22.58 4.41
O3 GLC D . -31.00 -20.65 3.66
O4 GLC D . -28.98 -20.01 5.57
O5 GLC D . -31.59 -21.57 7.75
O6 GLC D . -29.56 -20.99 9.65
C1 FRU D . -33.65 -25.00 6.33
C2 FRU D . -32.16 -24.96 6.79
C3 FRU D . -31.37 -26.03 5.98
C4 FRU D . -30.39 -26.57 7.06
C5 FRU D . -31.37 -26.63 8.25
C6 FRU D . -30.65 -26.76 9.60
O1 FRU D . -34.46 -24.07 7.07
O2 FRU D . -31.43 -23.66 6.63
O3 FRU D . -30.63 -25.43 4.88
O4 FRU D . -29.93 -27.88 6.71
O5 FRU D . -32.11 -25.39 8.17
O6 FRU D . -31.62 -26.81 10.65
#